data_5UNF
#
_entry.id   5UNF
#
_cell.length_a   77.390
_cell.length_b   69.110
_cell.length_c   90.070
_cell.angle_alpha   90.00
_cell.angle_beta   104.33
_cell.angle_gamma   90.00
#
_symmetry.space_group_name_H-M   'P 1 21 1'
#
loop_
_entity.id
_entity.type
_entity.pdbx_description
1 polymer 'Chimera protein of Type-2 angiotensin II receptor and Soluble cytochrome b562'
2 non-polymer "N-benzyl-N-(2-ethyl-4-oxo-3-{[2'-(2H-tetrazol-5-yl)[1,1'-biphenyl]-4-yl]methyl}-3,4-dihydroquinazolin-6-yl)thiophene-2-carboxamide"
#
_entity_poly.entity_id   1
_entity_poly.type   'polypeptide(L)'
_entity_poly.pdbx_seq_one_letter_code
;ADLEDNWETLNDNLKVIEKADNAAQVKDALTKMRAAALDAQKATPPKLEDKSPDSPEMKDFRHGFDILVGQIDDALKLAN
EGKVKEAQAAAEQLKTTRNAYIQKYLGSGSCSQKPSDKHLDAIPILYYIIFVIGFLVNIVVVTLFCCQKGPKKVSSIYIF
NLAVADLLLLATLPLWATYYSYRYDWLFGPVMCKVFGSFLTLNMFASIFFITCMSVDRYQSVIYPFLSQRRNPWQASYIV
PLVWCMACLSSLPTFYFRDVRTIEYLGVNACIMAFPPEKYAQWSAGIALMKNILGFIIPLIFIATCYFGIRKHLLKTNSY
GKNRITRDQVLKMAAAVVLAFIICWLPFHVLTFLDALAWMGVINSCEVIAVIDLALPFAILLGFTNSCVNPFLYCFVGNR
FQQKLRSVFRV
;
_entity_poly.pdbx_strand_id   A,B
#
loop_
_chem_comp.id
_chem_comp.type
_chem_comp.name
_chem_comp.formula
8ES non-polymer N-benzyl-N-(2-ethyl-4-oxo-3-{[2'-(2H-tetrazol-5-yl)[1,1'-biphenyl]-4-yl]methyl}-3,4-dihydroquinazolin-6-yl)thiophene-2-carboxamide 'C36 H29 N7 O2 S'
#
# COMPACT_ATOMS: atom_id res chain seq x y z
N ALA A 1 -7.66 6.15 -47.50
CA ALA A 1 -8.91 5.51 -47.86
C ALA A 1 -8.97 4.04 -47.37
N ASP A 2 -7.81 3.48 -46.98
CA ASP A 2 -7.67 2.11 -46.46
C ASP A 2 -8.29 2.00 -45.05
N LEU A 3 -8.83 0.82 -44.70
CA LEU A 3 -9.50 0.57 -43.39
C LEU A 3 -8.50 0.68 -42.23
N GLU A 4 -7.28 0.13 -42.37
CA GLU A 4 -6.22 0.15 -41.35
C GLU A 4 -5.75 1.60 -41.09
N ASP A 5 -5.59 2.39 -42.17
CA ASP A 5 -5.13 3.78 -42.13
C ASP A 5 -6.21 4.71 -41.57
N ASN A 6 -7.50 4.38 -41.79
CA ASN A 6 -8.61 5.16 -41.25
C ASN A 6 -8.74 4.92 -39.74
N TRP A 7 -8.47 3.68 -39.26
CA TRP A 7 -8.46 3.39 -37.82
C TRP A 7 -7.27 4.07 -37.16
N GLU A 8 -6.18 4.28 -37.92
CA GLU A 8 -5.00 5.00 -37.43
C GLU A 8 -5.37 6.49 -37.27
N THR A 9 -6.17 7.03 -38.22
CA THR A 9 -6.66 8.41 -38.20
C THR A 9 -7.63 8.59 -37.02
N LEU A 10 -8.48 7.57 -36.74
CA LEU A 10 -9.43 7.58 -35.62
C LEU A 10 -8.71 7.53 -34.28
N ASN A 11 -7.65 6.69 -34.14
CA ASN A 11 -6.90 6.52 -32.90
C ASN A 11 -5.97 7.72 -32.62
N ASP A 12 -5.32 8.31 -33.66
CA ASP A 12 -4.42 9.47 -33.51
C ASP A 12 -5.17 10.72 -33.04
N ASN A 13 -6.40 10.94 -33.55
CA ASN A 13 -7.22 12.10 -33.19
C ASN A 13 -7.83 11.92 -31.79
N LEU A 14 -8.03 10.66 -31.32
CA LEU A 14 -8.50 10.38 -29.96
C LEU A 14 -7.50 10.88 -28.92
N LYS A 15 -6.19 10.76 -29.24
CA LYS A 15 -5.06 11.20 -28.42
C LYS A 15 -5.04 12.72 -28.32
N VAL A 16 -5.55 13.41 -29.36
CA VAL A 16 -5.62 14.87 -29.42
C VAL A 16 -6.72 15.36 -28.46
N ILE A 17 -7.91 14.72 -28.49
CA ILE A 17 -9.08 15.06 -27.65
C ILE A 17 -8.70 14.97 -26.15
N GLU A 18 -7.99 13.89 -25.74
CA GLU A 18 -7.57 13.66 -24.35
C GLU A 18 -6.65 14.78 -23.84
N LYS A 19 -5.72 15.24 -24.69
CA LYS A 19 -4.73 16.28 -24.35
C LYS A 19 -5.14 17.67 -24.88
N ALA A 20 -6.41 17.83 -25.31
CA ALA A 20 -6.92 19.10 -25.84
C ALA A 20 -7.16 20.11 -24.72
N ASP A 21 -6.91 21.39 -25.03
CA ASP A 21 -7.07 22.51 -24.11
C ASP A 21 -8.41 23.22 -24.35
N ASN A 22 -8.72 23.54 -25.62
CA ASN A 22 -9.92 24.27 -26.02
C ASN A 22 -10.89 23.36 -26.84
N ALA A 23 -12.15 23.83 -26.99
CA ALA A 23 -13.24 23.14 -27.70
C ALA A 23 -12.98 23.07 -29.20
N ALA A 24 -12.19 24.02 -29.75
CA ALA A 24 -11.83 24.05 -31.18
C ALA A 24 -10.91 22.87 -31.54
N GLN A 25 -10.00 22.46 -30.61
CA GLN A 25 -9.11 21.30 -30.80
C GLN A 25 -9.92 20.01 -30.86
N VAL A 26 -10.91 19.89 -29.96
CA VAL A 26 -11.82 18.74 -29.84
C VAL A 26 -12.69 18.65 -31.12
N LYS A 27 -13.31 19.79 -31.53
CA LYS A 27 -14.16 19.91 -32.72
C LYS A 27 -13.39 19.49 -33.99
N ASP A 28 -12.15 20.02 -34.17
CA ASP A 28 -11.27 19.74 -35.31
C ASP A 28 -10.96 18.23 -35.40
N ALA A 29 -10.53 17.61 -34.26
CA ALA A 29 -10.20 16.19 -34.18
C ALA A 29 -11.41 15.30 -34.53
N LEU A 30 -12.61 15.63 -33.98
CA LEU A 30 -13.86 14.90 -34.22
C LEU A 30 -14.34 15.03 -35.66
N THR A 31 -14.05 16.15 -36.34
CA THR A 31 -14.43 16.38 -37.73
C THR A 31 -13.62 15.44 -38.63
N LYS A 32 -12.32 15.27 -38.30
CA LYS A 32 -11.39 14.39 -39.00
C LYS A 32 -11.80 12.93 -38.76
N MET A 33 -12.29 12.63 -37.55
CA MET A 33 -12.74 11.30 -37.15
C MET A 33 -14.06 10.90 -37.84
N ARG A 34 -15.02 11.86 -37.98
CA ARG A 34 -16.30 11.58 -38.64
C ARG A 34 -16.06 11.24 -40.11
N ALA A 35 -15.06 11.90 -40.74
CA ALA A 35 -14.65 11.65 -42.11
C ALA A 35 -14.02 10.27 -42.26
N ALA A 36 -13.12 9.91 -41.30
CA ALA A 36 -12.41 8.63 -41.25
C ALA A 36 -13.35 7.46 -40.94
N ALA A 37 -14.42 7.70 -40.13
CA ALA A 37 -15.40 6.67 -39.75
C ALA A 37 -16.31 6.31 -40.93
N LEU A 38 -16.77 7.31 -41.70
CA LEU A 38 -17.64 7.11 -42.87
C LEU A 38 -16.86 6.50 -44.03
N ASP A 39 -15.54 6.82 -44.14
CA ASP A 39 -14.64 6.30 -45.17
C ASP A 39 -14.32 4.83 -44.87
N ALA A 40 -14.14 4.49 -43.58
CA ALA A 40 -13.86 3.12 -43.13
C ALA A 40 -15.10 2.23 -43.28
N GLN A 41 -16.31 2.83 -43.17
CA GLN A 41 -17.61 2.15 -43.32
C GLN A 41 -17.78 1.61 -44.76
N LYS A 42 -17.20 2.32 -45.74
CA LYS A 42 -17.25 1.98 -47.17
C LYS A 42 -16.23 0.88 -47.51
N ALA A 43 -15.15 0.74 -46.71
CA ALA A 43 -14.09 -0.25 -46.90
C ALA A 43 -14.55 -1.67 -46.50
N THR A 44 -13.91 -2.70 -47.08
CA THR A 44 -14.20 -4.10 -46.79
C THR A 44 -12.97 -4.71 -46.09
N PRO A 45 -13.12 -5.31 -44.88
CA PRO A 45 -11.95 -5.86 -44.16
C PRO A 45 -11.31 -7.06 -44.89
N PRO A 46 -10.00 -7.37 -44.61
CA PRO A 46 -9.35 -8.53 -45.28
C PRO A 46 -10.06 -9.85 -44.96
N LYS A 47 -10.53 -10.01 -43.72
CA LYS A 47 -11.35 -11.14 -43.27
C LYS A 47 -12.78 -10.87 -43.74
N LEU A 48 -13.51 -11.92 -44.16
CA LEU A 48 -14.85 -11.87 -44.76
C LEU A 48 -14.84 -10.85 -45.95
N GLU A 49 -13.82 -11.00 -46.83
CA GLU A 49 -13.60 -10.19 -48.03
C GLU A 49 -14.58 -10.63 -49.12
N ASP A 50 -14.56 -11.94 -49.48
CA ASP A 50 -15.46 -12.49 -50.48
C ASP A 50 -16.77 -12.86 -49.78
N LYS A 51 -17.51 -11.81 -49.36
CA LYS A 51 -18.78 -11.89 -48.65
C LYS A 51 -19.79 -10.91 -49.26
N SER A 52 -21.04 -11.36 -49.45
CA SER A 52 -22.14 -10.56 -50.01
C SER A 52 -22.46 -9.34 -49.12
N PRO A 53 -22.88 -8.19 -49.69
CA PRO A 53 -23.17 -7.02 -48.83
C PRO A 53 -24.44 -7.19 -48.00
N ASP A 54 -25.39 -8.03 -48.47
CA ASP A 54 -26.67 -8.29 -47.79
C ASP A 54 -26.49 -9.29 -46.62
N SER A 55 -25.26 -9.83 -46.43
CA SER A 55 -24.93 -10.79 -45.37
C SER A 55 -25.03 -10.13 -43.96
N PRO A 56 -25.47 -10.87 -42.91
CA PRO A 56 -25.61 -10.25 -41.57
C PRO A 56 -24.28 -9.77 -40.97
N GLU A 57 -23.15 -10.45 -41.24
CA GLU A 57 -21.84 -10.06 -40.69
C GLU A 57 -21.28 -8.83 -41.46
N MET A 58 -21.77 -8.54 -42.69
CA MET A 58 -21.39 -7.34 -43.46
C MET A 58 -22.24 -6.16 -43.05
N LYS A 59 -23.52 -6.42 -42.72
CA LYS A 59 -24.45 -5.39 -42.25
C LYS A 59 -24.08 -4.96 -40.82
N ASP A 60 -23.55 -5.90 -40.01
CA ASP A 60 -23.09 -5.63 -38.63
C ASP A 60 -21.83 -4.75 -38.65
N PHE A 61 -20.92 -4.98 -39.62
CA PHE A 61 -19.68 -4.23 -39.79
C PHE A 61 -19.97 -2.75 -40.03
N ARG A 62 -20.87 -2.45 -41.00
CA ARG A 62 -21.26 -1.08 -41.33
C ARG A 62 -22.12 -0.47 -40.20
N HIS A 63 -22.86 -1.32 -39.44
CA HIS A 63 -23.69 -0.88 -38.31
C HIS A 63 -22.81 -0.35 -37.18
N GLY A 64 -21.65 -0.96 -36.98
CA GLY A 64 -20.67 -0.54 -35.98
C GLY A 64 -20.19 0.88 -36.18
N PHE A 65 -20.07 1.31 -37.45
CA PHE A 65 -19.65 2.66 -37.80
C PHE A 65 -20.84 3.64 -37.67
N ASP A 66 -22.10 3.16 -37.78
CA ASP A 66 -23.28 4.01 -37.57
C ASP A 66 -23.38 4.38 -36.09
N ILE A 67 -22.99 3.45 -35.19
CA ILE A 67 -22.92 3.67 -33.74
C ILE A 67 -21.76 4.65 -33.45
N LEU A 68 -20.61 4.43 -34.11
CA LEU A 68 -19.37 5.21 -33.96
C LEU A 68 -19.58 6.66 -34.41
N VAL A 69 -20.19 6.90 -35.61
CA VAL A 69 -20.48 8.24 -36.15
C VAL A 69 -21.49 8.95 -35.20
N GLY A 70 -22.44 8.18 -34.65
CA GLY A 70 -23.42 8.70 -33.71
C GLY A 70 -22.81 9.33 -32.48
N GLN A 71 -21.88 8.61 -31.81
CA GLN A 71 -21.15 9.07 -30.63
C GLN A 71 -20.23 10.27 -30.96
N ILE A 72 -19.73 10.35 -32.22
CA ILE A 72 -18.91 11.47 -32.74
C ILE A 72 -19.80 12.72 -32.83
N ASP A 73 -21.05 12.54 -33.30
CA ASP A 73 -22.03 13.62 -33.44
C ASP A 73 -22.47 14.13 -32.07
N ASP A 74 -22.60 13.23 -31.07
CA ASP A 74 -22.94 13.60 -29.70
C ASP A 74 -21.81 14.44 -29.10
N ALA A 75 -20.55 14.08 -29.43
CA ALA A 75 -19.36 14.79 -28.97
C ALA A 75 -19.21 16.14 -29.69
N LEU A 76 -19.48 16.17 -31.02
CA LEU A 76 -19.46 17.40 -31.84
C LEU A 76 -20.50 18.39 -31.35
N LYS A 77 -21.67 17.89 -30.86
CA LYS A 77 -22.74 18.71 -30.29
C LYS A 77 -22.21 19.50 -29.09
N LEU A 78 -21.51 18.80 -28.17
CA LEU A 78 -20.91 19.37 -26.96
C LEU A 78 -19.75 20.30 -27.28
N ALA A 79 -18.89 19.92 -28.25
CA ALA A 79 -17.74 20.73 -28.68
C ALA A 79 -18.20 22.08 -29.24
N ASN A 80 -19.30 22.09 -30.02
CA ASN A 80 -19.89 23.30 -30.64
C ASN A 80 -20.61 24.15 -29.57
N GLU A 81 -21.00 23.56 -28.44
CA GLU A 81 -21.65 24.28 -27.34
C GLU A 81 -20.60 24.87 -26.38
N GLY A 82 -19.33 24.49 -26.58
CA GLY A 82 -18.22 24.94 -25.75
C GLY A 82 -18.05 24.12 -24.50
N LYS A 83 -18.50 22.85 -24.55
CA LYS A 83 -18.44 21.89 -23.45
C LYS A 83 -17.32 20.89 -23.72
N VAL A 84 -16.07 21.28 -23.36
CA VAL A 84 -14.82 20.53 -23.60
C VAL A 84 -14.81 19.21 -22.82
N LYS A 85 -14.87 19.27 -21.46
CA LYS A 85 -14.82 18.10 -20.58
C LYS A 85 -15.98 17.14 -20.86
N GLU A 86 -17.15 17.67 -21.29
CA GLU A 86 -18.32 16.87 -21.66
C GLU A 86 -18.05 16.12 -22.97
N ALA A 87 -17.47 16.83 -23.98
CA ALA A 87 -17.11 16.27 -25.30
C ALA A 87 -15.99 15.23 -25.15
N GLN A 88 -14.98 15.49 -24.29
CA GLN A 88 -13.86 14.59 -24.01
C GLN A 88 -14.38 13.31 -23.33
N ALA A 89 -15.44 13.44 -22.49
CA ALA A 89 -16.09 12.30 -21.82
C ALA A 89 -16.89 11.46 -22.81
N ALA A 90 -17.59 12.13 -23.76
CA ALA A 90 -18.38 11.49 -24.80
C ALA A 90 -17.48 10.75 -25.78
N ALA A 91 -16.30 11.35 -26.09
CA ALA A 91 -15.30 10.80 -27.00
C ALA A 91 -14.60 9.57 -26.39
N GLU A 92 -14.68 9.40 -25.07
CA GLU A 92 -14.06 8.26 -24.40
C GLU A 92 -14.93 7.00 -24.57
N GLN A 93 -16.23 7.18 -24.92
CA GLN A 93 -17.16 6.08 -25.21
C GLN A 93 -16.86 5.46 -26.58
N LEU A 94 -16.09 6.18 -27.44
CA LEU A 94 -15.68 5.71 -28.77
C LEU A 94 -14.71 4.52 -28.64
N LYS A 95 -13.94 4.48 -27.52
CA LYS A 95 -13.00 3.40 -27.21
C LYS A 95 -13.75 2.08 -27.01
N THR A 96 -14.91 2.11 -26.32
CA THR A 96 -15.78 0.95 -26.06
C THR A 96 -16.25 0.37 -27.40
N THR A 97 -16.60 1.25 -28.37
CA THR A 97 -17.04 0.87 -29.71
C THR A 97 -15.81 0.37 -30.51
N ARG A 98 -14.62 0.97 -30.29
CA ARG A 98 -13.38 0.60 -30.96
C ARG A 98 -12.91 -0.81 -30.52
N ASN A 99 -13.15 -1.15 -29.24
CA ASN A 99 -12.81 -2.46 -28.67
C ASN A 99 -13.75 -3.56 -29.20
N ALA A 100 -15.02 -3.18 -29.49
CA ALA A 100 -16.02 -4.09 -30.04
C ALA A 100 -15.72 -4.44 -31.50
N HIS A 119 -16.09 -24.08 -26.71
CA HIS A 119 -16.40 -24.92 -25.57
C HIS A 119 -15.61 -26.23 -25.63
N LEU A 120 -14.87 -26.54 -24.56
CA LEU A 120 -14.11 -27.80 -24.44
C LEU A 120 -14.68 -28.63 -23.30
N ASP A 121 -14.92 -29.93 -23.56
CA ASP A 121 -15.46 -30.88 -22.58
C ASP A 121 -14.43 -31.23 -21.50
N ALA A 122 -13.12 -31.01 -21.80
CA ALA A 122 -12.01 -31.28 -20.89
C ALA A 122 -12.03 -30.35 -19.67
N ILE A 123 -12.37 -29.05 -19.86
CA ILE A 123 -12.41 -28.01 -18.82
C ILE A 123 -13.32 -28.49 -17.62
N PRO A 124 -14.63 -28.84 -17.75
CA PRO A 124 -15.38 -29.27 -16.56
C PRO A 124 -14.80 -30.53 -15.90
N ILE A 125 -14.16 -31.43 -16.70
CA ILE A 125 -13.53 -32.66 -16.20
C ILE A 125 -12.29 -32.29 -15.36
N LEU A 126 -11.36 -31.48 -15.93
CA LEU A 126 -10.14 -31.01 -15.28
C LEU A 126 -10.43 -30.27 -13.97
N TYR A 127 -11.49 -29.44 -13.95
CA TYR A 127 -11.92 -28.68 -12.77
C TYR A 127 -12.37 -29.61 -11.62
N TYR A 128 -13.01 -30.76 -11.94
CA TYR A 128 -13.40 -31.73 -10.90
C TYR A 128 -12.20 -32.56 -10.44
N ILE A 129 -11.20 -32.80 -11.33
CA ILE A 129 -9.97 -33.57 -10.99
C ILE A 129 -9.17 -32.77 -9.93
N ILE A 130 -8.96 -31.46 -10.16
CA ILE A 130 -8.23 -30.57 -9.24
C ILE A 130 -9.05 -30.40 -7.94
N PHE A 131 -10.40 -30.43 -8.04
CA PHE A 131 -11.29 -30.30 -6.89
C PHE A 131 -11.09 -31.45 -5.87
N VAL A 132 -11.19 -32.72 -6.32
CA VAL A 132 -11.10 -33.88 -5.44
C VAL A 132 -9.63 -34.07 -4.93
N ILE A 133 -8.61 -33.91 -5.81
CA ILE A 133 -7.20 -34.05 -5.43
C ILE A 133 -6.85 -32.96 -4.39
N GLY A 134 -7.17 -31.70 -4.71
CA GLY A 134 -6.90 -30.56 -3.84
C GLY A 134 -7.69 -30.56 -2.54
N PHE A 135 -8.93 -31.10 -2.56
CA PHE A 135 -9.76 -31.12 -1.37
C PHE A 135 -9.23 -32.16 -0.39
N LEU A 136 -8.83 -33.35 -0.89
CA LEU A 136 -8.31 -34.46 -0.09
C LEU A 136 -6.89 -34.17 0.48
N VAL A 137 -6.04 -33.39 -0.23
CA VAL A 137 -4.69 -33.07 0.27
C VAL A 137 -4.79 -32.00 1.40
N ASN A 138 -5.81 -31.11 1.36
CA ASN A 138 -6.03 -30.11 2.41
C ASN A 138 -6.84 -30.72 3.58
N ILE A 139 -7.52 -31.87 3.36
CA ILE A 139 -8.25 -32.60 4.41
C ILE A 139 -7.23 -33.20 5.40
N VAL A 140 -6.13 -33.74 4.87
CA VAL A 140 -5.06 -34.37 5.67
C VAL A 140 -4.36 -33.29 6.53
N VAL A 141 -4.28 -32.03 6.05
CA VAL A 141 -3.61 -30.92 6.76
C VAL A 141 -4.53 -30.37 7.89
N VAL A 142 -5.82 -30.10 7.61
CA VAL A 142 -6.78 -29.54 8.57
C VAL A 142 -6.97 -30.51 9.76
N THR A 143 -7.28 -31.79 9.48
CA THR A 143 -7.54 -32.82 10.50
C THR A 143 -6.27 -33.15 11.32
N LEU A 144 -5.07 -32.91 10.76
CA LEU A 144 -3.77 -33.14 11.41
C LEU A 144 -3.60 -32.19 12.60
N PHE A 145 -3.81 -30.87 12.35
CA PHE A 145 -3.66 -29.77 13.30
C PHE A 145 -4.54 -29.94 14.56
N CYS A 146 -5.76 -30.50 14.41
CA CYS A 146 -6.73 -30.58 15.51
C CYS A 146 -6.51 -31.84 16.39
N CYS A 147 -6.91 -33.03 15.90
CA CYS A 147 -6.95 -34.27 16.67
C CYS A 147 -5.58 -35.00 16.71
N GLN A 148 -4.60 -34.64 15.84
CA GLN A 148 -3.33 -35.38 15.84
C GLN A 148 -2.09 -34.45 16.07
N LYS A 149 -2.28 -33.20 16.54
CA LYS A 149 -1.14 -32.33 16.82
C LYS A 149 -1.49 -31.38 18.01
N GLY A 150 -2.13 -30.26 17.70
CA GLY A 150 -2.52 -29.24 18.68
C GLY A 150 -2.48 -27.82 18.16
N PRO A 151 -2.91 -26.81 18.97
CA PRO A 151 -2.90 -25.41 18.47
C PRO A 151 -1.63 -24.65 18.86
N LYS A 152 -0.51 -25.38 19.11
CA LYS A 152 0.79 -24.79 19.47
C LYS A 152 1.55 -24.32 18.21
N LYS A 153 2.63 -23.52 18.42
CA LYS A 153 3.52 -22.89 17.41
C LYS A 153 2.77 -21.76 16.68
N VAL A 154 3.53 -20.79 16.11
CA VAL A 154 2.92 -19.63 15.44
C VAL A 154 2.76 -19.94 13.94
N SER A 155 3.79 -20.54 13.30
CA SER A 155 3.81 -20.91 11.89
C SER A 155 2.69 -21.91 11.54
N SER A 156 2.36 -22.83 12.48
CA SER A 156 1.32 -23.84 12.34
C SER A 156 -0.08 -23.21 12.23
N ILE A 157 -0.28 -22.02 12.85
CA ILE A 157 -1.56 -21.32 12.82
C ILE A 157 -1.80 -20.79 11.41
N TYR A 158 -0.75 -20.25 10.74
CA TYR A 158 -0.86 -19.75 9.37
C TYR A 158 -1.13 -20.93 8.40
N ILE A 159 -0.55 -22.13 8.68
CA ILE A 159 -0.76 -23.37 7.89
C ILE A 159 -2.26 -23.73 7.88
N PHE A 160 -2.89 -23.75 9.07
CA PHE A 160 -4.30 -24.09 9.24
C PHE A 160 -5.19 -23.08 8.48
N ASN A 161 -4.94 -21.77 8.67
CA ASN A 161 -5.69 -20.71 8.01
C ASN A 161 -5.50 -20.77 6.50
N LEU A 162 -4.30 -21.18 6.04
CA LEU A 162 -4.00 -21.35 4.61
C LEU A 162 -4.80 -22.54 4.07
N ALA A 163 -4.83 -23.66 4.84
CA ALA A 163 -5.55 -24.89 4.48
C ALA A 163 -7.06 -24.63 4.41
N VAL A 164 -7.61 -23.83 5.35
CA VAL A 164 -9.04 -23.44 5.38
C VAL A 164 -9.36 -22.59 4.13
N ALA A 165 -8.54 -21.53 3.87
CA ALA A 165 -8.71 -20.65 2.71
C ALA A 165 -8.61 -21.44 1.39
N ASP A 166 -7.67 -22.41 1.29
CA ASP A 166 -7.49 -23.27 0.12
C ASP A 166 -8.66 -24.23 -0.05
N LEU A 167 -9.08 -24.87 1.06
CA LEU A 167 -10.18 -25.83 1.11
C LEU A 167 -11.48 -25.18 0.61
N LEU A 168 -11.79 -23.96 1.11
CA LEU A 168 -13.01 -23.23 0.75
C LEU A 168 -12.92 -22.68 -0.70
N LEU A 169 -11.70 -22.37 -1.19
CA LEU A 169 -11.48 -21.89 -2.55
C LEU A 169 -11.76 -23.00 -3.57
N LEU A 170 -11.23 -24.20 -3.30
CA LEU A 170 -11.39 -25.40 -4.13
C LEU A 170 -12.84 -25.91 -4.08
N ALA A 171 -13.58 -25.57 -3.01
CA ALA A 171 -14.98 -25.95 -2.81
C ALA A 171 -15.93 -25.23 -3.82
N THR A 172 -15.45 -24.18 -4.54
CA THR A 172 -16.27 -23.43 -5.50
C THR A 172 -16.13 -24.02 -6.94
N LEU A 173 -15.11 -24.89 -7.18
CA LEU A 173 -14.85 -25.53 -8.47
C LEU A 173 -16.10 -26.26 -9.04
N PRO A 174 -16.93 -27.02 -8.24
CA PRO A 174 -18.13 -27.64 -8.84
C PRO A 174 -19.09 -26.61 -9.47
N LEU A 175 -19.11 -25.36 -8.96
CA LEU A 175 -19.95 -24.28 -9.51
C LEU A 175 -19.47 -23.80 -10.86
N TRP A 176 -18.15 -23.51 -11.00
CA TRP A 176 -17.59 -22.97 -12.24
C TRP A 176 -17.60 -24.01 -13.34
N ALA A 177 -17.45 -25.31 -12.98
CA ALA A 177 -17.52 -26.41 -13.95
C ALA A 177 -18.95 -26.55 -14.49
N THR A 178 -19.98 -26.39 -13.61
CA THR A 178 -21.41 -26.45 -13.96
C THR A 178 -21.77 -25.23 -14.82
N TYR A 179 -21.34 -24.02 -14.39
CA TYR A 179 -21.56 -22.74 -15.10
C TYR A 179 -20.93 -22.81 -16.51
N TYR A 180 -19.73 -23.40 -16.63
CA TYR A 180 -19.04 -23.56 -17.93
C TYR A 180 -19.80 -24.59 -18.81
N SER A 181 -20.32 -25.69 -18.18
CA SER A 181 -21.06 -26.76 -18.87
C SER A 181 -22.35 -26.25 -19.52
N TYR A 182 -23.06 -25.33 -18.83
CA TYR A 182 -24.30 -24.75 -19.35
C TYR A 182 -24.00 -23.52 -20.24
N ARG A 183 -22.79 -23.47 -20.85
CA ARG A 183 -22.29 -22.42 -21.76
C ARG A 183 -22.54 -21.02 -21.15
N TYR A 184 -22.07 -20.83 -19.90
CA TYR A 184 -22.13 -19.62 -19.08
C TYR A 184 -23.59 -19.16 -18.86
N ASP A 185 -24.45 -20.11 -18.43
CA ASP A 185 -25.84 -19.83 -18.07
C ASP A 185 -25.99 -20.03 -16.57
N TRP A 186 -25.93 -18.91 -15.82
CA TRP A 186 -26.01 -18.93 -14.36
C TRP A 186 -27.44 -19.32 -13.95
N LEU A 187 -27.58 -20.53 -13.40
CA LEU A 187 -28.87 -21.10 -12.97
C LEU A 187 -28.96 -21.20 -11.43
N PHE A 188 -28.41 -20.20 -10.71
CA PHE A 188 -28.40 -20.18 -9.24
C PHE A 188 -28.97 -18.86 -8.65
N GLY A 189 -29.47 -17.98 -9.51
CA GLY A 189 -30.03 -16.70 -9.08
C GLY A 189 -28.99 -15.61 -8.98
N PRO A 190 -29.38 -14.32 -9.15
CA PRO A 190 -28.38 -13.23 -9.11
C PRO A 190 -27.80 -12.96 -7.72
N VAL A 191 -28.43 -13.48 -6.65
CA VAL A 191 -27.96 -13.29 -5.27
C VAL A 191 -26.69 -14.13 -5.07
N MET A 192 -26.68 -15.41 -5.53
CA MET A 192 -25.53 -16.30 -5.40
C MET A 192 -24.41 -15.90 -6.37
N CYS A 193 -24.70 -15.05 -7.37
CA CYS A 193 -23.70 -14.49 -8.29
C CYS A 193 -22.80 -13.54 -7.49
N LYS A 194 -23.39 -12.74 -6.58
CA LYS A 194 -22.67 -11.81 -5.70
C LYS A 194 -22.03 -12.53 -4.52
N VAL A 195 -22.74 -13.50 -3.91
CA VAL A 195 -22.29 -14.22 -2.70
C VAL A 195 -21.10 -15.16 -3.06
N PHE A 196 -21.28 -16.13 -3.99
CA PHE A 196 -20.19 -17.05 -4.33
C PHE A 196 -19.08 -16.35 -5.11
N GLY A 197 -19.42 -15.28 -5.82
CA GLY A 197 -18.45 -14.45 -6.52
C GLY A 197 -17.48 -13.83 -5.55
N SER A 198 -18.00 -13.29 -4.42
CA SER A 198 -17.19 -12.68 -3.35
C SER A 198 -16.53 -13.73 -2.47
N PHE A 199 -17.19 -14.90 -2.26
CA PHE A 199 -16.65 -16.01 -1.47
C PHE A 199 -15.40 -16.57 -2.16
N LEU A 200 -15.41 -16.59 -3.50
CA LEU A 200 -14.28 -17.01 -4.33
C LEU A 200 -13.08 -16.08 -4.15
N THR A 201 -13.30 -14.77 -4.32
CA THR A 201 -12.28 -13.72 -4.24
C THR A 201 -11.75 -13.62 -2.78
N LEU A 202 -12.66 -13.76 -1.76
CA LEU A 202 -12.33 -13.70 -0.33
C LEU A 202 -11.27 -14.75 0.02
N ASN A 203 -11.58 -16.03 -0.26
CA ASN A 203 -10.69 -17.16 0.04
C ASN A 203 -9.48 -17.19 -0.91
N MET A 204 -9.58 -16.59 -2.12
CA MET A 204 -8.44 -16.51 -3.04
C MET A 204 -7.37 -15.61 -2.44
N PHE A 205 -7.78 -14.40 -1.99
CA PHE A 205 -6.86 -13.46 -1.37
C PHE A 205 -6.42 -13.96 0.00
N ALA A 206 -7.31 -14.63 0.77
CA ALA A 206 -6.93 -15.19 2.06
C ALA A 206 -5.81 -16.23 1.90
N SER A 207 -5.83 -16.99 0.78
CA SER A 207 -4.80 -17.96 0.44
C SER A 207 -3.47 -17.25 0.13
N ILE A 208 -3.50 -16.28 -0.81
CA ILE A 208 -2.34 -15.52 -1.28
C ILE A 208 -1.71 -14.70 -0.09
N PHE A 209 -2.54 -14.10 0.79
CA PHE A 209 -2.02 -13.30 1.89
C PHE A 209 -1.40 -14.19 2.96
N PHE A 210 -1.95 -15.41 3.20
CA PHE A 210 -1.34 -16.31 4.18
C PHE A 210 -0.05 -16.96 3.60
N ILE A 211 0.07 -17.08 2.25
CA ILE A 211 1.30 -17.52 1.56
C ILE A 211 2.38 -16.47 1.82
N THR A 212 2.00 -15.18 1.74
CA THR A 212 2.86 -14.03 1.97
C THR A 212 3.32 -14.01 3.44
N CYS A 213 2.41 -14.32 4.41
CA CYS A 213 2.74 -14.39 5.84
C CYS A 213 3.81 -15.45 6.07
N MET A 214 3.66 -16.64 5.46
CA MET A 214 4.61 -17.76 5.58
C MET A 214 6.03 -17.37 5.15
N SER A 215 6.18 -16.62 4.04
CA SER A 215 7.48 -16.19 3.54
C SER A 215 8.13 -15.18 4.49
N VAL A 216 7.33 -14.26 5.07
CA VAL A 216 7.77 -13.24 6.04
C VAL A 216 8.17 -13.96 7.36
N ASP A 217 7.40 -15.00 7.75
CA ASP A 217 7.65 -15.79 8.97
C ASP A 217 8.94 -16.62 8.83
N ARG A 218 9.10 -17.34 7.69
CA ARG A 218 10.30 -18.14 7.42
C ARG A 218 11.54 -17.25 7.33
N TYR A 219 11.40 -16.02 6.76
CA TYR A 219 12.51 -15.07 6.66
C TYR A 219 12.92 -14.60 8.05
N GLN A 220 11.95 -14.23 8.90
CA GLN A 220 12.17 -13.75 10.27
C GLN A 220 12.78 -14.88 11.15
N SER A 221 12.56 -16.16 10.76
CA SER A 221 13.12 -17.34 11.45
C SER A 221 14.58 -17.57 11.05
N VAL A 222 14.96 -17.18 9.81
CA VAL A 222 16.31 -17.35 9.27
C VAL A 222 17.21 -16.20 9.79
N ILE A 223 16.85 -14.93 9.51
CA ILE A 223 17.64 -13.75 9.88
C ILE A 223 17.72 -13.63 11.46
N TYR A 224 16.62 -13.94 12.19
CA TYR A 224 16.63 -13.92 13.66
C TYR A 224 16.30 -15.34 14.20
N PRO A 225 17.34 -16.17 14.51
CA PRO A 225 17.06 -17.56 14.96
C PRO A 225 16.32 -17.62 16.32
N PHE A 226 16.51 -16.60 17.18
CA PHE A 226 15.86 -16.52 18.50
C PHE A 226 14.34 -16.24 18.38
N PRO A 233 4.55 -15.09 20.09
CA PRO A 233 3.36 -15.64 20.77
C PRO A 233 2.13 -14.75 20.59
N TRP A 234 2.32 -13.41 20.73
CA TRP A 234 1.24 -12.41 20.62
C TRP A 234 0.83 -12.19 19.16
N GLN A 235 1.82 -11.96 18.26
CA GLN A 235 1.71 -11.61 16.83
C GLN A 235 0.62 -12.46 16.09
N ALA A 236 0.40 -13.73 16.48
CA ALA A 236 -0.57 -14.62 15.83
C ALA A 236 -2.02 -14.22 16.13
N SER A 237 -2.32 -13.71 17.35
CA SER A 237 -3.70 -13.33 17.76
C SER A 237 -4.20 -12.09 17.01
N TYR A 238 -3.27 -11.30 16.43
CA TYR A 238 -3.55 -10.06 15.73
C TYR A 238 -3.52 -10.22 14.19
N ILE A 239 -2.55 -11.01 13.65
CA ILE A 239 -2.35 -11.17 12.21
C ILE A 239 -3.50 -11.99 11.58
N VAL A 240 -3.88 -13.16 12.15
CA VAL A 240 -4.96 -14.00 11.60
C VAL A 240 -6.24 -13.13 11.34
N PRO A 241 -6.78 -12.32 12.32
CA PRO A 241 -7.95 -11.50 12.00
C PRO A 241 -7.65 -10.42 10.95
N LEU A 242 -6.46 -9.79 11.00
CA LEU A 242 -6.06 -8.74 10.06
C LEU A 242 -5.97 -9.27 8.61
N VAL A 243 -5.51 -10.52 8.43
CA VAL A 243 -5.39 -11.13 7.11
C VAL A 243 -6.81 -11.41 6.57
N TRP A 244 -7.71 -11.97 7.42
CA TRP A 244 -9.09 -12.24 6.99
C TRP A 244 -9.84 -10.93 6.74
N CYS A 245 -9.48 -9.85 7.46
CA CYS A 245 -10.10 -8.54 7.29
C CYS A 245 -9.73 -7.96 5.92
N MET A 246 -8.42 -8.02 5.55
CA MET A 246 -7.92 -7.52 4.25
C MET A 246 -8.48 -8.35 3.09
N ALA A 247 -8.78 -9.65 3.33
CA ALA A 247 -9.38 -10.56 2.35
C ALA A 247 -10.86 -10.16 2.08
N CYS A 248 -11.61 -9.73 3.14
CA CYS A 248 -13.01 -9.30 3.04
C CYS A 248 -13.10 -7.97 2.30
N LEU A 249 -12.13 -7.06 2.53
CA LEU A 249 -12.12 -5.73 1.91
C LEU A 249 -11.74 -5.84 0.42
N SER A 250 -10.89 -6.82 0.07
CA SER A 250 -10.46 -7.06 -1.31
C SER A 250 -11.59 -7.68 -2.16
N SER A 251 -12.55 -8.38 -1.52
CA SER A 251 -13.67 -9.06 -2.18
C SER A 251 -14.95 -8.20 -2.20
N LEU A 252 -14.90 -6.93 -1.74
CA LEU A 252 -16.07 -6.04 -1.74
C LEU A 252 -16.37 -5.49 -3.15
N PRO A 253 -15.38 -4.96 -3.95
CA PRO A 253 -15.73 -4.48 -5.31
C PRO A 253 -16.32 -5.59 -6.18
N THR A 254 -16.17 -6.86 -5.74
CA THR A 254 -16.75 -8.04 -6.39
C THR A 254 -18.26 -8.07 -6.08
N PHE A 255 -18.63 -7.89 -4.80
CA PHE A 255 -20.01 -7.91 -4.33
C PHE A 255 -20.83 -6.75 -4.94
N TYR A 256 -20.17 -5.61 -5.21
CA TYR A 256 -20.87 -4.45 -5.74
C TYR A 256 -21.07 -4.51 -7.25
N PHE A 257 -20.19 -5.19 -8.01
CA PHE A 257 -20.31 -5.18 -9.46
C PHE A 257 -20.76 -6.54 -10.03
N ARG A 258 -20.41 -7.70 -9.42
CA ARG A 258 -20.88 -8.99 -9.93
C ARG A 258 -22.41 -9.07 -9.84
N ASP A 259 -23.07 -9.41 -10.96
CA ASP A 259 -24.54 -9.50 -11.07
C ASP A 259 -24.92 -10.27 -12.34
N VAL A 260 -26.11 -10.90 -12.36
CA VAL A 260 -26.62 -11.65 -13.51
C VAL A 260 -27.22 -10.64 -14.51
N ARG A 261 -26.72 -10.67 -15.75
CA ARG A 261 -27.20 -9.82 -16.86
C ARG A 261 -27.36 -10.66 -18.12
N THR A 262 -28.41 -10.37 -18.91
CA THR A 262 -28.69 -11.10 -20.14
C THR A 262 -27.73 -10.63 -21.25
N ILE A 263 -26.95 -11.55 -21.80
CA ILE A 263 -26.00 -11.29 -22.88
C ILE A 263 -26.75 -11.54 -24.17
N GLU A 264 -27.31 -10.45 -24.75
CA GLU A 264 -28.18 -10.42 -25.94
C GLU A 264 -27.64 -11.23 -27.14
N TYR A 265 -26.33 -11.12 -27.47
CA TYR A 265 -25.76 -11.81 -28.63
C TYR A 265 -25.50 -13.32 -28.34
N LEU A 266 -25.69 -13.78 -27.08
CA LEU A 266 -25.54 -15.19 -26.72
C LEU A 266 -26.87 -15.79 -26.25
N GLY A 267 -27.83 -14.92 -25.91
CA GLY A 267 -29.14 -15.29 -25.39
C GLY A 267 -29.07 -16.09 -24.11
N VAL A 268 -28.13 -15.74 -23.22
CA VAL A 268 -27.85 -16.48 -21.99
C VAL A 268 -27.75 -15.51 -20.79
N ASN A 269 -28.13 -15.96 -19.57
CA ASN A 269 -28.01 -15.14 -18.35
C ASN A 269 -26.69 -15.43 -17.68
N ALA A 270 -25.71 -14.54 -17.87
CA ALA A 270 -24.37 -14.72 -17.36
C ALA A 270 -24.12 -13.90 -16.10
N CYS A 271 -23.36 -14.49 -15.17
CA CYS A 271 -22.90 -13.86 -13.92
C CYS A 271 -21.68 -13.03 -14.24
N ILE A 272 -21.90 -11.80 -14.74
CA ILE A 272 -20.82 -10.91 -15.19
C ILE A 272 -20.45 -9.86 -14.13
N MET A 273 -19.46 -9.03 -14.46
CA MET A 273 -18.99 -7.90 -13.68
C MET A 273 -19.71 -6.65 -14.21
N ALA A 274 -20.98 -6.45 -13.78
CA ALA A 274 -21.92 -5.43 -14.27
C ALA A 274 -21.47 -4.00 -13.95
N PHE A 275 -20.51 -3.49 -14.74
CA PHE A 275 -20.03 -2.12 -14.62
C PHE A 275 -21.01 -1.16 -15.29
N PRO A 276 -20.99 0.18 -15.02
CA PRO A 276 -21.88 1.09 -15.77
C PRO A 276 -21.60 0.98 -17.28
N PRO A 277 -22.62 0.68 -18.12
CA PRO A 277 -22.35 0.46 -19.55
C PRO A 277 -21.74 1.68 -20.25
N GLU A 278 -22.12 2.92 -19.83
CA GLU A 278 -21.61 4.17 -20.41
C GLU A 278 -20.10 4.32 -20.09
N LYS A 279 -19.64 3.64 -19.03
CA LYS A 279 -18.27 3.61 -18.56
C LYS A 279 -17.85 2.15 -18.30
N TYR A 280 -17.87 1.30 -19.36
CA TYR A 280 -17.57 -0.12 -19.16
C TYR A 280 -16.07 -0.41 -19.46
N ALA A 281 -15.51 0.18 -20.54
CA ALA A 281 -14.12 -0.03 -20.97
C ALA A 281 -13.10 0.47 -19.92
N GLN A 282 -13.40 1.59 -19.24
CA GLN A 282 -12.52 2.15 -18.22
C GLN A 282 -12.48 1.23 -16.97
N TRP A 283 -13.66 0.76 -16.54
CA TRP A 283 -13.82 -0.13 -15.40
C TRP A 283 -13.19 -1.49 -15.62
N SER A 284 -13.34 -2.07 -16.83
CA SER A 284 -12.78 -3.37 -17.17
C SER A 284 -11.25 -3.33 -17.15
N ALA A 285 -10.67 -2.21 -17.60
CA ALA A 285 -9.22 -1.99 -17.61
C ALA A 285 -8.70 -1.72 -16.19
N GLY A 286 -9.48 -1.00 -15.40
CA GLY A 286 -9.14 -0.64 -14.02
C GLY A 286 -9.11 -1.79 -13.04
N ILE A 287 -10.17 -2.62 -13.02
CA ILE A 287 -10.28 -3.77 -12.10
C ILE A 287 -9.29 -4.89 -12.56
N ALA A 288 -8.93 -4.95 -13.86
CA ALA A 288 -7.92 -5.91 -14.35
C ALA A 288 -6.54 -5.57 -13.76
N LEU A 289 -6.21 -4.25 -13.66
CA LEU A 289 -4.96 -3.78 -13.06
C LEU A 289 -4.95 -4.07 -11.54
N MET A 290 -6.13 -4.00 -10.88
CA MET A 290 -6.29 -4.31 -9.44
C MET A 290 -5.89 -5.77 -9.19
N LYS A 291 -6.30 -6.68 -10.09
CA LYS A 291 -6.01 -8.12 -10.01
C LYS A 291 -4.50 -8.37 -10.04
N ASN A 292 -3.79 -7.69 -10.96
CA ASN A 292 -2.34 -7.84 -11.17
C ASN A 292 -1.53 -7.29 -10.01
N ILE A 293 -1.81 -6.04 -9.57
CA ILE A 293 -1.08 -5.37 -8.49
C ILE A 293 -1.33 -6.06 -7.12
N LEU A 294 -2.59 -6.17 -6.68
CA LEU A 294 -2.97 -6.71 -5.37
C LEU A 294 -2.82 -8.25 -5.27
N GLY A 295 -3.11 -8.96 -6.36
CA GLY A 295 -3.08 -10.42 -6.38
C GLY A 295 -1.83 -11.11 -6.87
N PHE A 296 -0.88 -10.35 -7.47
CA PHE A 296 0.35 -10.99 -7.95
C PHE A 296 1.57 -10.10 -7.68
N ILE A 297 1.62 -8.85 -8.21
CA ILE A 297 2.75 -7.93 -8.10
C ILE A 297 3.17 -7.74 -6.61
N ILE A 298 2.29 -7.17 -5.76
CA ILE A 298 2.59 -6.90 -4.33
C ILE A 298 2.94 -8.25 -3.60
N PRO A 299 2.10 -9.32 -3.59
CA PRO A 299 2.51 -10.55 -2.86
C PRO A 299 3.82 -11.15 -3.39
N LEU A 300 4.08 -11.08 -4.72
CA LEU A 300 5.31 -11.62 -5.30
C LEU A 300 6.52 -10.79 -4.84
N ILE A 301 6.36 -9.45 -4.63
CA ILE A 301 7.44 -8.59 -4.11
C ILE A 301 7.89 -9.17 -2.76
N PHE A 302 6.94 -9.46 -1.84
CA PHE A 302 7.19 -10.04 -0.52
C PHE A 302 7.85 -11.43 -0.63
N ILE A 303 7.27 -12.34 -1.44
CA ILE A 303 7.74 -13.72 -1.60
C ILE A 303 9.19 -13.72 -2.17
N ALA A 304 9.47 -12.88 -3.21
CA ALA A 304 10.80 -12.80 -3.84
C ALA A 304 11.83 -12.20 -2.88
N THR A 305 11.49 -11.08 -2.19
CA THR A 305 12.39 -10.39 -1.26
C THR A 305 12.74 -11.33 -0.09
N CYS A 306 11.75 -12.12 0.41
CA CYS A 306 12.01 -13.06 1.51
C CYS A 306 12.87 -14.22 1.01
N TYR A 307 12.79 -14.60 -0.28
CA TYR A 307 13.63 -15.68 -0.81
C TYR A 307 15.09 -15.24 -0.87
N PHE A 308 15.38 -14.10 -1.53
CA PHE A 308 16.74 -13.60 -1.67
C PHE A 308 17.26 -13.09 -0.31
N GLY A 309 16.35 -12.77 0.61
CA GLY A 309 16.69 -12.38 1.97
C GLY A 309 17.20 -13.56 2.75
N ILE A 310 16.56 -14.74 2.57
CA ILE A 310 16.97 -16.02 3.16
C ILE A 310 18.26 -16.49 2.45
N ARG A 311 18.26 -16.47 1.10
CA ARG A 311 19.38 -16.85 0.23
C ARG A 311 20.66 -16.09 0.63
N LYS A 312 20.53 -14.82 1.05
CA LYS A 312 21.63 -13.96 1.48
C LYS A 312 22.27 -14.48 2.78
N HIS A 313 21.44 -14.74 3.82
CA HIS A 313 21.87 -15.15 5.15
C HIS A 313 22.53 -16.56 5.13
N LEU A 314 22.06 -17.45 4.24
CA LEU A 314 22.65 -18.79 4.15
C LEU A 314 23.99 -18.79 3.39
N LEU A 315 24.11 -18.01 2.28
CA LEU A 315 25.33 -18.00 1.47
C LEU A 315 26.48 -17.23 2.17
N LYS A 316 26.18 -16.22 3.03
CA LYS A 316 27.22 -15.49 3.76
C LYS A 316 27.84 -16.42 4.84
N THR A 317 27.02 -17.33 5.40
CA THR A 317 27.47 -18.35 6.35
C THR A 317 28.16 -19.44 5.53
N ASN A 318 29.49 -19.58 5.68
CA ASN A 318 30.27 -20.52 4.87
C ASN A 318 29.96 -21.98 5.25
N SER A 319 29.31 -22.70 4.31
CA SER A 319 28.98 -24.13 4.41
C SER A 319 29.82 -24.92 3.40
N TYR A 320 30.34 -26.11 3.79
CA TYR A 320 31.23 -26.86 2.89
C TYR A 320 31.18 -28.41 3.10
N GLY A 321 30.88 -28.88 4.31
CA GLY A 321 30.81 -30.31 4.59
C GLY A 321 29.41 -30.86 4.50
N LYS A 322 28.91 -31.42 5.63
CA LYS A 322 27.53 -31.92 5.78
C LYS A 322 26.59 -30.72 5.77
N ASN A 323 27.06 -29.59 6.35
CA ASN A 323 26.37 -28.31 6.45
C ASN A 323 26.03 -27.73 5.07
N ARG A 324 26.81 -28.08 4.02
CA ARG A 324 26.56 -27.59 2.65
C ARG A 324 25.34 -28.29 2.08
N ILE A 325 25.18 -29.59 2.38
CA ILE A 325 24.03 -30.40 1.96
C ILE A 325 22.77 -29.87 2.70
N THR A 326 22.93 -29.51 4.00
CA THR A 326 21.89 -28.97 4.86
C THR A 326 21.48 -27.55 4.39
N ARG A 327 22.46 -26.74 3.92
CA ARG A 327 22.22 -25.37 3.44
C ARG A 327 21.40 -25.36 2.15
N ASP A 328 21.81 -26.17 1.15
CA ASP A 328 21.17 -26.24 -0.17
C ASP A 328 19.75 -26.81 -0.08
N GLN A 329 19.47 -27.77 0.84
CA GLN A 329 18.12 -28.34 0.98
C GLN A 329 17.15 -27.27 1.54
N VAL A 330 17.64 -26.34 2.38
CA VAL A 330 16.84 -25.22 2.92
C VAL A 330 16.53 -24.25 1.76
N LEU A 331 17.52 -24.03 0.87
CA LEU A 331 17.38 -23.17 -0.31
C LEU A 331 16.43 -23.80 -1.33
N LYS A 332 16.42 -25.16 -1.45
CA LYS A 332 15.52 -25.89 -2.34
C LYS A 332 14.07 -25.71 -1.89
N MET A 333 13.83 -25.76 -0.57
CA MET A 333 12.50 -25.54 0.04
C MET A 333 12.07 -24.08 -0.11
N ALA A 334 13.04 -23.15 -0.12
CA ALA A 334 12.83 -21.72 -0.26
C ALA A 334 12.52 -21.34 -1.71
N ALA A 335 13.22 -21.94 -2.68
CA ALA A 335 13.02 -21.67 -4.11
C ALA A 335 11.74 -22.30 -4.61
N ALA A 336 11.23 -23.31 -3.91
CA ALA A 336 10.02 -24.02 -4.30
C ALA A 336 8.76 -23.19 -4.01
N VAL A 337 8.76 -22.32 -2.98
CA VAL A 337 7.56 -21.54 -2.63
C VAL A 337 7.41 -20.35 -3.63
N VAL A 338 8.52 -19.79 -4.15
CA VAL A 338 8.46 -18.66 -5.09
C VAL A 338 8.14 -19.20 -6.52
N LEU A 339 8.83 -20.28 -6.97
CA LEU A 339 8.62 -20.88 -8.30
C LEU A 339 7.19 -21.43 -8.47
N ALA A 340 6.62 -22.11 -7.44
CA ALA A 340 5.26 -22.65 -7.50
C ALA A 340 4.22 -21.53 -7.65
N PHE A 341 4.39 -20.41 -6.93
CA PHE A 341 3.48 -19.27 -7.00
C PHE A 341 3.52 -18.63 -8.40
N ILE A 342 4.73 -18.50 -8.99
CA ILE A 342 4.92 -17.92 -10.33
C ILE A 342 4.32 -18.87 -11.40
N ILE A 343 4.67 -20.17 -11.39
CA ILE A 343 4.16 -21.13 -12.37
C ILE A 343 2.60 -21.16 -12.35
N CYS A 344 1.99 -21.14 -11.16
CA CYS A 344 0.53 -21.28 -10.99
C CYS A 344 -0.22 -19.95 -11.28
N TRP A 345 0.33 -18.78 -10.93
CA TRP A 345 -0.44 -17.54 -11.10
C TRP A 345 0.05 -16.62 -12.26
N LEU A 346 1.33 -16.72 -12.71
CA LEU A 346 1.81 -15.82 -13.78
C LEU A 346 0.98 -15.99 -15.09
N PRO A 347 0.62 -17.22 -15.59
CA PRO A 347 -0.18 -17.29 -16.84
C PRO A 347 -1.49 -16.48 -16.76
N PHE A 348 -2.23 -16.56 -15.63
CA PHE A 348 -3.48 -15.84 -15.44
C PHE A 348 -3.28 -14.31 -15.51
N HIS A 349 -2.28 -13.78 -14.79
CA HIS A 349 -2.06 -12.34 -14.71
C HIS A 349 -1.44 -11.79 -16.01
N VAL A 350 -0.78 -12.65 -16.82
CA VAL A 350 -0.26 -12.23 -18.13
C VAL A 350 -1.46 -11.93 -19.03
N LEU A 351 -2.44 -12.86 -19.09
CA LEU A 351 -3.66 -12.74 -19.89
C LEU A 351 -4.54 -11.58 -19.41
N THR A 352 -4.58 -11.34 -18.07
CA THR A 352 -5.35 -10.27 -17.42
C THR A 352 -4.75 -8.90 -17.80
N PHE A 353 -3.40 -8.80 -17.85
CA PHE A 353 -2.72 -7.56 -18.21
C PHE A 353 -2.92 -7.27 -19.70
N LEU A 354 -2.87 -8.32 -20.56
CA LEU A 354 -3.11 -8.19 -22.00
C LEU A 354 -4.56 -7.78 -22.26
N ASP A 355 -5.51 -8.32 -21.44
CA ASP A 355 -6.94 -7.99 -21.49
C ASP A 355 -7.15 -6.50 -21.19
N ALA A 356 -6.47 -5.99 -20.14
CA ALA A 356 -6.52 -4.59 -19.72
C ALA A 356 -6.05 -3.66 -20.84
N LEU A 357 -4.99 -4.05 -21.58
CA LEU A 357 -4.44 -3.27 -22.70
C LEU A 357 -5.44 -3.23 -23.87
N ALA A 358 -6.23 -4.31 -24.05
CA ALA A 358 -7.27 -4.37 -25.09
C ALA A 358 -8.39 -3.37 -24.79
N TRP A 359 -8.81 -3.24 -23.50
CA TRP A 359 -9.83 -2.28 -23.08
C TRP A 359 -9.29 -0.83 -23.14
N MET A 360 -7.97 -0.64 -22.94
CA MET A 360 -7.33 0.67 -23.02
C MET A 360 -7.14 1.12 -24.48
N GLY A 361 -7.36 0.21 -25.42
CA GLY A 361 -7.22 0.48 -26.84
C GLY A 361 -5.82 0.27 -27.38
N VAL A 362 -4.95 -0.32 -26.55
CA VAL A 362 -3.55 -0.61 -26.89
C VAL A 362 -3.53 -1.82 -27.85
N ILE A 363 -4.27 -2.90 -27.50
CA ILE A 363 -4.35 -4.10 -28.33
C ILE A 363 -5.64 -4.02 -29.16
N ASN A 364 -5.45 -3.94 -30.49
CA ASN A 364 -6.48 -3.83 -31.52
C ASN A 364 -6.68 -5.15 -32.30
N SER A 365 -5.63 -5.99 -32.39
CA SER A 365 -5.68 -7.27 -33.09
C SER A 365 -6.57 -8.26 -32.32
N CYS A 366 -7.67 -8.72 -32.95
CA CYS A 366 -8.65 -9.61 -32.32
C CYS A 366 -8.10 -11.06 -32.23
N GLU A 367 -7.08 -11.40 -33.04
CA GLU A 367 -6.45 -12.72 -33.03
C GLU A 367 -5.88 -13.04 -31.63
N VAL A 368 -5.09 -12.11 -31.05
CA VAL A 368 -4.50 -12.28 -29.72
C VAL A 368 -5.62 -12.17 -28.64
N ILE A 369 -6.74 -11.46 -28.94
CA ILE A 369 -7.88 -11.32 -28.02
C ILE A 369 -8.63 -12.68 -27.95
N ALA A 370 -8.70 -13.41 -29.09
CA ALA A 370 -9.33 -14.73 -29.18
C ALA A 370 -8.51 -15.79 -28.41
N VAL A 371 -7.16 -15.63 -28.42
CA VAL A 371 -6.20 -16.50 -27.71
C VAL A 371 -6.47 -16.40 -26.20
N ILE A 372 -6.58 -15.14 -25.66
CA ILE A 372 -6.85 -14.86 -24.24
C ILE A 372 -8.13 -15.62 -23.79
N ASP A 373 -9.22 -15.54 -24.59
CA ASP A 373 -10.51 -16.17 -24.28
C ASP A 373 -10.40 -17.69 -24.09
N LEU A 374 -9.68 -18.40 -24.98
CA LEU A 374 -9.59 -19.86 -24.86
C LEU A 374 -8.51 -20.27 -23.85
N ALA A 375 -7.48 -19.41 -23.63
CA ALA A 375 -6.37 -19.72 -22.71
C ALA A 375 -6.71 -19.32 -21.26
N LEU A 376 -7.78 -18.52 -21.05
CA LEU A 376 -8.19 -18.05 -19.73
C LEU A 376 -8.78 -19.20 -18.86
N PRO A 377 -9.70 -20.11 -19.32
CA PRO A 377 -10.20 -21.17 -18.43
C PRO A 377 -9.09 -22.09 -17.90
N PHE A 378 -8.02 -22.29 -18.69
CA PHE A 378 -6.87 -23.10 -18.31
C PHE A 378 -5.99 -22.37 -17.30
N ALA A 379 -5.74 -21.05 -17.51
CA ALA A 379 -4.93 -20.22 -16.64
C ALA A 379 -5.57 -20.07 -15.26
N ILE A 380 -6.93 -20.08 -15.21
CA ILE A 380 -7.74 -20.01 -13.98
C ILE A 380 -7.56 -21.32 -13.18
N LEU A 381 -7.46 -22.46 -13.88
CA LEU A 381 -7.28 -23.77 -13.25
C LEU A 381 -5.94 -23.84 -12.49
N LEU A 382 -4.83 -23.29 -13.08
CA LEU A 382 -3.51 -23.27 -12.45
C LEU A 382 -3.51 -22.46 -11.14
N GLY A 383 -4.39 -21.46 -11.05
CA GLY A 383 -4.59 -20.67 -9.85
C GLY A 383 -5.10 -21.53 -8.71
N PHE A 384 -6.11 -22.38 -9.00
CA PHE A 384 -6.67 -23.35 -8.05
C PHE A 384 -5.67 -24.46 -7.75
N THR A 385 -4.80 -24.79 -8.73
CA THR A 385 -3.79 -25.85 -8.62
C THR A 385 -2.73 -25.44 -7.56
N ASN A 386 -2.54 -24.12 -7.34
CA ASN A 386 -1.61 -23.62 -6.31
C ASN A 386 -2.09 -24.06 -4.92
N SER A 387 -3.41 -24.24 -4.73
CA SER A 387 -4.03 -24.70 -3.48
C SER A 387 -3.79 -26.21 -3.27
N CYS A 388 -3.34 -26.93 -4.33
CA CYS A 388 -3.00 -28.35 -4.29
C CYS A 388 -1.53 -28.50 -3.91
N VAL A 389 -0.72 -27.48 -4.24
CA VAL A 389 0.73 -27.43 -4.01
C VAL A 389 1.02 -27.03 -2.55
N ASN A 390 0.31 -25.99 -2.02
CA ASN A 390 0.48 -25.43 -0.67
C ASN A 390 0.52 -26.52 0.47
N PRO A 391 -0.34 -27.57 0.52
CA PRO A 391 -0.25 -28.53 1.63
C PRO A 391 1.14 -29.23 1.70
N PHE A 392 1.67 -29.70 0.54
CA PHE A 392 2.97 -30.36 0.45
C PHE A 392 4.12 -29.39 0.75
N LEU A 393 4.06 -28.21 0.12
CA LEU A 393 5.05 -27.13 0.11
C LEU A 393 5.26 -26.46 1.51
N TYR A 394 4.34 -26.61 2.47
CA TYR A 394 4.49 -25.95 3.78
C TYR A 394 4.29 -26.89 4.98
N CYS A 395 3.23 -27.73 4.98
CA CYS A 395 2.93 -28.58 6.13
C CYS A 395 3.81 -29.84 6.12
N PHE A 396 3.90 -30.54 4.98
CA PHE A 396 4.61 -31.81 4.92
C PHE A 396 6.14 -31.59 4.75
N VAL A 397 6.60 -31.05 3.59
CA VAL A 397 8.03 -30.83 3.29
C VAL A 397 8.59 -29.69 4.20
N GLY A 398 7.73 -28.75 4.58
CA GLY A 398 8.09 -27.61 5.43
C GLY A 398 8.40 -27.95 6.88
N ASN A 399 8.12 -29.19 7.32
CA ASN A 399 8.40 -29.63 8.69
C ASN A 399 9.91 -29.87 8.88
N ARG A 400 10.61 -30.26 7.78
CA ARG A 400 12.06 -30.49 7.79
C ARG A 400 12.82 -29.16 7.82
N PHE A 401 12.21 -28.08 7.29
CA PHE A 401 12.77 -26.73 7.26
C PHE A 401 13.07 -26.25 8.69
N GLN A 402 12.25 -26.70 9.67
CA GLN A 402 12.36 -26.42 11.10
C GLN A 402 13.64 -27.03 11.69
N GLN A 403 13.88 -28.32 11.39
CA GLN A 403 15.00 -29.10 11.91
C GLN A 403 16.33 -28.73 11.23
N LYS A 404 16.32 -28.46 9.91
CA LYS A 404 17.51 -28.15 9.11
C LYS A 404 17.94 -26.68 9.29
N LEU A 405 17.06 -25.81 9.82
CA LEU A 405 17.40 -24.41 10.08
C LEU A 405 18.09 -24.30 11.45
N ARG A 406 17.73 -25.18 12.40
CA ARG A 406 18.33 -25.23 13.74
C ARG A 406 19.69 -25.94 13.68
N SER A 407 19.94 -26.75 12.62
CA SER A 407 21.20 -27.47 12.40
C SER A 407 22.30 -26.52 11.92
N VAL A 408 21.98 -25.59 10.99
CA VAL A 408 22.94 -24.61 10.46
C VAL A 408 23.20 -23.52 11.52
N PHE A 409 22.21 -23.25 12.41
CA PHE A 409 22.32 -22.24 13.47
C PHE A 409 23.11 -22.80 14.67
N ARG A 410 22.72 -24.01 15.18
CA ARG A 410 23.32 -24.73 16.31
C ARG A 410 23.40 -23.83 17.56
N ALA B 1 35.97 23.84 18.39
CA ALA B 1 35.97 23.71 19.85
C ALA B 1 34.56 23.35 20.38
N ASP B 2 33.52 23.52 19.53
CA ASP B 2 32.12 23.20 19.84
C ASP B 2 31.92 21.68 19.91
N LEU B 3 30.98 21.21 20.77
CA LEU B 3 30.70 19.78 20.97
C LEU B 3 30.13 19.12 19.68
N GLU B 4 29.20 19.80 18.98
CA GLU B 4 28.58 19.31 17.74
C GLU B 4 29.65 19.17 16.62
N ASP B 5 30.55 20.17 16.52
CA ASP B 5 31.61 20.23 15.51
C ASP B 5 32.72 19.22 15.80
N ASN B 6 32.96 18.88 17.10
CA ASN B 6 33.93 17.86 17.51
C ASN B 6 33.40 16.48 17.19
N TRP B 7 32.07 16.25 17.33
CA TRP B 7 31.46 14.96 16.94
C TRP B 7 31.49 14.82 15.42
N GLU B 8 31.45 15.95 14.69
CA GLU B 8 31.55 15.94 13.24
C GLU B 8 32.99 15.55 12.85
N THR B 9 33.99 16.04 13.61
CA THR B 9 35.42 15.73 13.41
C THR B 9 35.66 14.24 13.72
N LEU B 10 34.98 13.70 14.77
CA LEU B 10 35.08 12.30 15.16
C LEU B 10 34.44 11.37 14.13
N ASN B 11 33.26 11.77 13.59
CA ASN B 11 32.52 10.96 12.64
C ASN B 11 33.11 11.06 11.22
N ASP B 12 33.68 12.22 10.83
CA ASP B 12 34.28 12.34 9.49
C ASP B 12 35.60 11.53 9.42
N ASN B 13 36.43 11.56 10.50
CA ASN B 13 37.68 10.81 10.59
C ASN B 13 37.44 9.31 10.79
N LEU B 14 36.30 8.94 11.38
CA LEU B 14 35.92 7.53 11.57
C LEU B 14 35.61 6.88 10.21
N LYS B 15 35.07 7.68 9.26
CA LYS B 15 34.77 7.29 7.89
C LYS B 15 36.07 7.08 7.10
N VAL B 16 37.10 7.92 7.37
CA VAL B 16 38.42 7.87 6.73
C VAL B 16 39.08 6.50 7.03
N ILE B 17 39.00 6.04 8.30
CA ILE B 17 39.55 4.77 8.79
C ILE B 17 38.95 3.59 7.98
N GLU B 18 37.62 3.59 7.76
CA GLU B 18 36.92 2.52 7.01
C GLU B 18 37.43 2.40 5.57
N LYS B 19 37.67 3.55 4.91
CA LYS B 19 38.11 3.62 3.52
C LYS B 19 39.64 3.84 3.40
N ALA B 20 40.39 3.65 4.51
CA ALA B 20 41.84 3.84 4.53
C ALA B 20 42.55 2.68 3.85
N ASP B 21 43.67 2.98 3.17
CA ASP B 21 44.50 2.01 2.46
C ASP B 21 45.70 1.60 3.31
N ASN B 22 46.43 2.61 3.86
CA ASN B 22 47.63 2.40 4.65
C ASN B 22 47.42 2.78 6.15
N ALA B 23 48.36 2.35 7.01
CA ALA B 23 48.36 2.56 8.47
C ALA B 23 48.55 4.05 8.82
N ALA B 24 49.22 4.81 7.94
CA ALA B 24 49.45 6.25 8.13
C ALA B 24 48.14 7.04 8.06
N GLN B 25 47.19 6.61 7.17
CA GLN B 25 45.86 7.24 7.05
C GLN B 25 45.05 7.02 8.33
N VAL B 26 45.12 5.79 8.88
CA VAL B 26 44.43 5.37 10.11
C VAL B 26 45.01 6.16 11.30
N LYS B 27 46.36 6.19 11.42
CA LYS B 27 47.08 6.89 12.48
C LYS B 27 46.73 8.40 12.49
N ASP B 28 46.76 9.05 11.30
CA ASP B 28 46.43 10.47 11.12
C ASP B 28 45.01 10.77 11.59
N ALA B 29 44.02 9.98 11.13
CA ALA B 29 42.60 10.13 11.48
C ALA B 29 42.39 9.98 13.00
N LEU B 30 43.01 8.95 13.64
CA LEU B 30 42.91 8.68 15.08
C LEU B 30 43.57 9.78 15.94
N THR B 31 44.62 10.44 15.41
CA THR B 31 45.32 11.53 16.10
C THR B 31 44.38 12.75 16.18
N LYS B 32 43.65 13.01 15.08
CA LYS B 32 42.68 14.10 14.98
C LYS B 32 41.49 13.82 15.88
N MET B 33 41.12 12.52 15.99
CA MET B 33 40.01 12.05 16.82
C MET B 33 40.33 12.15 18.32
N ARG B 34 41.58 11.81 18.72
CA ARG B 34 41.99 11.89 20.14
C ARG B 34 41.95 13.34 20.61
N ALA B 35 42.32 14.28 19.71
CA ALA B 35 42.29 15.71 19.97
C ALA B 35 40.84 16.21 20.12
N ALA B 36 39.94 15.75 19.22
CA ALA B 36 38.52 16.13 19.22
C ALA B 36 37.78 15.53 20.40
N ALA B 37 38.16 14.31 20.83
CA ALA B 37 37.53 13.62 21.95
C ALA B 37 37.82 14.34 23.28
N LEU B 38 39.08 14.77 23.49
CA LEU B 38 39.50 15.48 24.71
C LEU B 38 38.94 16.90 24.73
N ASP B 39 38.77 17.53 23.55
CA ASP B 39 38.21 18.89 23.38
C ASP B 39 36.69 18.84 23.64
N ALA B 40 36.01 17.76 23.18
CA ALA B 40 34.57 17.56 23.38
C ALA B 40 34.26 17.25 24.84
N GLN B 41 35.22 16.61 25.55
CA GLN B 41 35.11 16.25 26.97
C GLN B 41 35.03 17.51 27.85
N LYS B 42 35.70 18.60 27.41
CA LYS B 42 35.74 19.89 28.11
C LYS B 42 34.45 20.71 27.87
N ALA B 43 33.75 20.43 26.74
CA ALA B 43 32.50 21.11 26.35
C ALA B 43 31.31 20.66 27.20
N THR B 44 30.27 21.52 27.33
CA THR B 44 29.04 21.23 28.06
C THR B 44 27.88 21.16 27.04
N PRO B 45 27.11 20.03 27.01
CA PRO B 45 26.02 19.90 26.01
C PRO B 45 24.88 20.92 26.20
N PRO B 46 24.10 21.25 25.13
CA PRO B 46 23.01 22.24 25.29
C PRO B 46 21.97 21.79 26.32
N LYS B 47 21.67 20.49 26.36
CA LYS B 47 20.80 19.88 27.36
C LYS B 47 21.65 19.63 28.61
N LEU B 48 21.07 19.83 29.81
CA LEU B 48 21.74 19.79 31.13
C LEU B 48 22.94 20.78 31.10
N GLU B 49 22.67 22.02 30.61
CA GLU B 49 23.63 23.12 30.51
C GLU B 49 23.83 23.74 31.88
N ASP B 50 22.73 24.18 32.53
CA ASP B 50 22.75 24.74 33.88
C ASP B 50 22.75 23.59 34.89
N LYS B 51 23.87 22.83 34.92
CA LYS B 51 24.09 21.66 35.76
C LYS B 51 25.49 21.71 36.38
N SER B 52 25.60 21.40 37.69
CA SER B 52 26.86 21.40 38.43
C SER B 52 27.86 20.36 37.86
N PRO B 53 29.19 20.62 37.89
CA PRO B 53 30.15 19.63 37.34
C PRO B 53 30.25 18.37 38.20
N ASP B 54 29.97 18.48 39.52
CA ASP B 54 30.02 17.36 40.47
C ASP B 54 28.78 16.44 40.34
N SER B 55 27.82 16.80 39.47
CA SER B 55 26.58 16.04 39.23
C SER B 55 26.87 14.69 38.56
N PRO B 56 26.11 13.60 38.88
CA PRO B 56 26.41 12.27 38.28
C PRO B 56 26.23 12.23 36.76
N GLU B 57 25.26 13.00 36.20
CA GLU B 57 25.01 13.01 34.75
C GLU B 57 26.11 13.82 34.00
N MET B 58 26.82 14.74 34.69
CA MET B 58 27.93 15.45 34.05
C MET B 58 29.22 14.64 34.18
N LYS B 59 29.38 13.89 35.30
CA LYS B 59 30.54 13.00 35.49
C LYS B 59 30.47 11.81 34.52
N ASP B 60 29.24 11.35 34.18
CA ASP B 60 28.99 10.28 33.23
C ASP B 60 29.34 10.74 31.81
N PHE B 61 29.03 12.01 31.48
CA PHE B 61 29.30 12.63 30.17
C PHE B 61 30.80 12.63 29.88
N ARG B 62 31.62 13.10 30.84
CA ARG B 62 33.08 13.15 30.68
C ARG B 62 33.67 11.73 30.74
N HIS B 63 33.01 10.80 31.47
CA HIS B 63 33.43 9.40 31.57
C HIS B 63 33.33 8.71 30.21
N GLY B 64 32.30 9.05 29.43
CA GLY B 64 32.08 8.52 28.10
C GLY B 64 33.23 8.80 27.15
N PHE B 65 33.88 9.97 27.32
CA PHE B 65 35.04 10.37 26.51
C PHE B 65 36.32 9.70 27.02
N ASP B 66 36.37 9.30 28.32
CA ASP B 66 37.52 8.55 28.85
C ASP B 66 37.53 7.14 28.25
N ILE B 67 36.33 6.56 28.01
CA ILE B 67 36.15 5.26 27.36
C ILE B 67 36.54 5.40 25.89
N LEU B 68 36.09 6.49 25.24
CA LEU B 68 36.30 6.81 23.83
C LEU B 68 37.79 7.03 23.53
N VAL B 69 38.50 7.85 24.34
CA VAL B 69 39.95 8.11 24.18
C VAL B 69 40.74 6.78 24.37
N GLY B 70 40.30 5.95 25.32
CA GLY B 70 40.91 4.65 25.60
C GLY B 70 40.82 3.68 24.43
N GLN B 71 39.69 3.70 23.71
CA GLN B 71 39.48 2.86 22.53
C GLN B 71 40.33 3.38 21.37
N ILE B 72 40.46 4.73 21.25
CA ILE B 72 41.29 5.42 20.24
C ILE B 72 42.77 5.03 20.45
N ASP B 73 43.24 4.99 21.70
CA ASP B 73 44.63 4.63 22.03
C ASP B 73 44.93 3.16 21.69
N ASP B 74 43.94 2.27 21.80
CA ASP B 74 44.12 0.85 21.47
C ASP B 74 44.27 0.67 19.95
N ALA B 75 43.51 1.46 19.17
CA ALA B 75 43.58 1.47 17.70
C ALA B 75 44.85 2.17 17.23
N LEU B 76 45.34 3.17 18.01
CA LEU B 76 46.58 3.90 17.72
C LEU B 76 47.78 3.00 17.89
N LYS B 77 47.69 2.09 18.88
CA LYS B 77 48.71 1.11 19.17
C LYS B 77 48.93 0.21 17.95
N LEU B 78 47.82 -0.29 17.36
CA LEU B 78 47.80 -1.16 16.20
C LEU B 78 48.27 -0.43 14.93
N ALA B 79 47.83 0.85 14.74
CA ALA B 79 48.21 1.67 13.59
C ALA B 79 49.72 1.90 13.56
N ASN B 80 50.34 2.14 14.74
CA ASN B 80 51.78 2.37 14.89
C ASN B 80 52.57 1.07 14.72
N GLU B 81 51.92 -0.09 14.90
CA GLU B 81 52.56 -1.40 14.71
C GLU B 81 52.45 -1.86 13.24
N GLY B 82 51.67 -1.11 12.45
CA GLY B 82 51.44 -1.41 11.03
C GLY B 82 50.34 -2.43 10.82
N LYS B 83 49.40 -2.49 11.79
CA LYS B 83 48.27 -3.42 11.77
C LYS B 83 47.00 -2.64 11.40
N VAL B 84 46.78 -2.45 10.08
CA VAL B 84 45.68 -1.66 9.49
C VAL B 84 44.31 -2.28 9.80
N LYS B 85 44.05 -3.53 9.33
CA LYS B 85 42.78 -4.25 9.51
C LYS B 85 42.45 -4.43 11.00
N GLU B 86 43.48 -4.57 11.86
CA GLU B 86 43.31 -4.68 13.32
C GLU B 86 42.86 -3.34 13.91
N ALA B 87 43.50 -2.22 13.47
CA ALA B 87 43.19 -0.87 13.89
C ALA B 87 41.79 -0.45 13.42
N GLN B 88 41.42 -0.82 12.16
CA GLN B 88 40.11 -0.55 11.57
C GLN B 88 39.02 -1.32 12.33
N ALA B 89 39.34 -2.54 12.84
CA ALA B 89 38.44 -3.36 13.65
C ALA B 89 38.24 -2.75 15.05
N ALA B 90 39.33 -2.23 15.64
CA ALA B 90 39.32 -1.58 16.95
C ALA B 90 38.54 -0.27 16.89
N ALA B 91 38.68 0.47 15.78
CA ALA B 91 38.02 1.74 15.52
C ALA B 91 36.52 1.57 15.29
N GLU B 92 36.08 0.34 14.98
CA GLU B 92 34.67 0.05 14.76
C GLU B 92 33.94 -0.06 16.12
N GLN B 93 34.68 -0.29 17.22
CA GLN B 93 34.13 -0.34 18.58
C GLN B 93 33.79 1.09 19.09
N LEU B 94 34.34 2.13 18.42
CA LEU B 94 34.09 3.54 18.73
C LEU B 94 32.64 3.91 18.41
N LYS B 95 32.04 3.21 17.42
CA LYS B 95 30.64 3.39 17.01
C LYS B 95 29.69 3.02 18.15
N THR B 96 29.99 1.91 18.87
CA THR B 96 29.21 1.42 20.01
C THR B 96 29.19 2.50 21.12
N THR B 97 30.35 3.15 21.34
CA THR B 97 30.50 4.23 22.31
C THR B 97 29.78 5.49 21.79
N ARG B 98 29.83 5.73 20.46
CA ARG B 98 29.20 6.89 19.80
C ARG B 98 27.66 6.77 19.87
N ASN B 99 27.12 5.53 19.79
CA ASN B 99 25.68 5.26 19.88
C ASN B 99 25.18 5.45 21.33
N ALA B 100 26.05 5.19 22.33
CA ALA B 100 25.74 5.37 23.74
C ALA B 100 25.66 6.88 24.09
N TYR B 101 26.11 7.75 23.16
CA TYR B 101 26.04 9.20 23.28
C TYR B 101 24.78 9.76 22.61
N ILE B 102 24.48 9.32 21.36
CA ILE B 102 23.35 9.85 20.58
C ILE B 102 22.01 9.50 21.29
N GLN B 103 21.94 8.39 22.06
CA GLN B 103 20.69 8.01 22.75
C GLN B 103 20.70 8.54 24.21
N LYS B 104 21.63 9.46 24.54
CA LYS B 104 21.72 10.04 25.87
C LYS B 104 21.67 11.57 25.82
N TYR B 105 22.74 12.21 25.31
CA TYR B 105 22.89 13.66 25.35
C TYR B 105 22.36 14.36 24.08
N LEU B 106 22.45 13.71 22.89
CA LEU B 106 21.94 14.30 21.64
C LEU B 106 20.41 14.43 21.66
N GLY B 107 19.73 13.44 22.26
CA GLY B 107 18.28 13.43 22.35
C GLY B 107 17.72 13.70 23.73
N SER B 108 16.39 13.52 23.88
CA SER B 108 15.66 13.73 25.12
C SER B 108 15.84 12.51 26.10
N GLY B 109 16.93 11.75 25.92
CA GLY B 109 17.28 10.60 26.75
C GLY B 109 17.69 11.06 28.14
N SER B 110 18.76 11.87 28.19
CA SER B 110 19.26 12.52 29.39
C SER B 110 18.80 13.98 29.34
N CYS B 111 17.47 14.15 29.49
CA CYS B 111 16.73 15.41 29.46
C CYS B 111 15.35 15.16 30.04
N SER B 112 14.41 14.65 29.20
CA SER B 112 13.05 14.30 29.57
C SER B 112 13.01 13.00 30.40
N GLN B 113 11.87 12.74 31.07
CA GLN B 113 11.65 11.57 31.93
C GLN B 113 11.52 10.28 31.09
N LYS B 114 11.75 9.11 31.75
CA LYS B 114 11.67 7.77 31.17
C LYS B 114 10.20 7.38 30.88
N PRO B 115 9.91 6.42 29.94
CA PRO B 115 8.51 6.03 29.66
C PRO B 115 7.78 5.50 30.91
N SER B 116 8.52 4.87 31.83
CA SER B 116 8.02 4.35 33.11
C SER B 116 7.48 5.50 33.97
N ASP B 117 8.17 6.67 33.93
CA ASP B 117 7.83 7.90 34.65
C ASP B 117 6.63 8.63 34.02
N LYS B 118 6.39 8.42 32.71
CA LYS B 118 5.31 9.11 32.02
C LYS B 118 4.33 8.08 31.39
N HIS B 119 3.94 7.05 32.17
CA HIS B 119 3.01 6.03 31.70
C HIS B 119 1.61 6.26 32.27
N LEU B 120 0.60 6.38 31.37
CA LEU B 120 -0.80 6.55 31.75
C LEU B 120 -1.60 5.33 31.29
N ASP B 121 -2.42 4.77 32.20
CA ASP B 121 -3.27 3.60 31.94
C ASP B 121 -4.42 3.95 31.00
N ALA B 122 -4.79 5.24 30.91
CA ALA B 122 -5.87 5.75 30.07
C ALA B 122 -5.56 5.61 28.59
N ILE B 123 -4.29 5.86 28.17
CA ILE B 123 -3.83 5.79 26.77
C ILE B 123 -4.19 4.40 26.15
N PRO B 124 -3.77 3.21 26.65
CA PRO B 124 -4.16 1.95 25.98
C PRO B 124 -5.69 1.75 25.95
N ILE B 125 -6.44 2.27 26.96
CA ILE B 125 -7.90 2.18 27.04
C ILE B 125 -8.52 3.05 25.92
N LEU B 126 -8.13 4.35 25.84
CA LEU B 126 -8.59 5.32 24.84
C LEU B 126 -8.32 4.84 23.41
N TYR B 127 -7.15 4.22 23.17
CA TYR B 127 -6.76 3.69 21.87
C TYR B 127 -7.68 2.53 21.43
N TYR B 128 -8.17 1.68 22.37
CA TYR B 128 -9.11 0.61 22.03
C TYR B 128 -10.53 1.16 21.83
N ILE B 129 -10.90 2.27 22.54
CA ILE B 129 -12.23 2.91 22.42
C ILE B 129 -12.38 3.46 20.99
N ILE B 130 -11.36 4.21 20.49
CA ILE B 130 -11.34 4.81 19.15
C ILE B 130 -11.26 3.67 18.10
N PHE B 131 -10.57 2.56 18.42
CA PHE B 131 -10.44 1.40 17.53
C PHE B 131 -11.81 0.77 17.21
N VAL B 132 -12.61 0.40 18.22
CA VAL B 132 -13.89 -0.29 18.02
C VAL B 132 -14.94 0.70 17.44
N ILE B 133 -15.01 1.96 17.93
CA ILE B 133 -15.97 2.96 17.44
C ILE B 133 -15.65 3.26 15.95
N GLY B 134 -14.39 3.57 15.67
CA GLY B 134 -13.93 3.88 14.32
C GLY B 134 -13.99 2.72 13.33
N PHE B 135 -13.80 1.48 13.83
CA PHE B 135 -13.83 0.31 12.97
C PHE B 135 -15.27 0.00 12.56
N LEU B 136 -16.23 0.12 13.50
CA LEU B 136 -17.64 -0.14 13.27
C LEU B 136 -18.32 0.94 12.41
N VAL B 137 -17.92 2.24 12.51
CA VAL B 137 -18.58 3.28 11.69
C VAL B 137 -18.10 3.14 10.22
N ASN B 138 -16.84 2.73 9.99
CA ASN B 138 -16.32 2.52 8.64
C ASN B 138 -16.88 1.18 8.05
N ILE B 139 -17.27 0.20 8.92
CA ILE B 139 -17.93 -1.03 8.50
C ILE B 139 -19.31 -0.66 7.91
N VAL B 140 -19.98 0.37 8.51
CA VAL B 140 -21.27 0.87 8.04
C VAL B 140 -21.09 1.44 6.62
N VAL B 141 -20.06 2.32 6.43
CA VAL B 141 -19.73 3.00 5.16
C VAL B 141 -19.60 1.96 4.01
N VAL B 142 -18.84 0.89 4.26
CA VAL B 142 -18.57 -0.19 3.31
C VAL B 142 -19.85 -1.05 3.05
N THR B 143 -20.55 -1.54 4.10
CA THR B 143 -21.74 -2.39 3.93
C THR B 143 -22.95 -1.57 3.40
N LEU B 144 -22.87 -0.22 3.47
CA LEU B 144 -23.94 0.68 3.02
C LEU B 144 -24.11 0.62 1.50
N PHE B 145 -23.03 0.25 0.76
CA PHE B 145 -23.09 0.08 -0.69
C PHE B 145 -23.83 -1.23 -1.06
N CYS B 146 -23.67 -2.29 -0.22
CA CYS B 146 -24.27 -3.62 -0.40
C CYS B 146 -25.81 -3.54 -0.36
N CYS B 147 -26.37 -3.02 0.75
CA CYS B 147 -27.82 -2.93 0.96
C CYS B 147 -28.45 -1.84 0.05
N GLN B 148 -27.64 -0.88 -0.48
CA GLN B 148 -28.11 0.18 -1.38
C GLN B 148 -27.27 0.20 -2.66
N LYS B 153 -21.35 6.87 -9.49
CA LYS B 153 -20.68 8.07 -8.99
C LYS B 153 -19.18 7.82 -8.77
N VAL B 154 -18.34 8.67 -9.39
CA VAL B 154 -16.87 8.70 -9.28
C VAL B 154 -16.48 9.02 -7.82
N SER B 155 -17.25 9.92 -7.17
CA SER B 155 -17.07 10.35 -5.78
C SER B 155 -17.19 9.17 -4.81
N SER B 156 -18.09 8.20 -5.11
CA SER B 156 -18.32 7.01 -4.30
C SER B 156 -17.08 6.09 -4.26
N ILE B 157 -16.25 6.12 -5.33
CA ILE B 157 -15.03 5.30 -5.42
C ILE B 157 -14.01 5.83 -4.42
N TYR B 158 -13.88 7.18 -4.30
CA TYR B 158 -12.95 7.79 -3.34
C TYR B 158 -13.42 7.52 -1.91
N ILE B 159 -14.76 7.47 -1.66
CA ILE B 159 -15.36 7.13 -0.35
C ILE B 159 -14.90 5.75 0.10
N PHE B 160 -15.01 4.74 -0.79
CA PHE B 160 -14.63 3.36 -0.51
C PHE B 160 -13.12 3.27 -0.19
N ASN B 161 -12.27 3.89 -1.04
CA ASN B 161 -10.83 3.90 -0.85
C ASN B 161 -10.45 4.63 0.44
N LEU B 162 -11.23 5.67 0.81
CA LEU B 162 -11.01 6.42 2.07
C LEU B 162 -11.38 5.52 3.25
N ALA B 163 -12.52 4.78 3.15
CA ALA B 163 -13.01 3.86 4.18
C ALA B 163 -12.02 2.71 4.38
N VAL B 164 -11.44 2.17 3.28
CA VAL B 164 -10.44 1.09 3.32
C VAL B 164 -9.17 1.62 4.03
N ALA B 165 -8.64 2.79 3.60
CA ALA B 165 -7.46 3.43 4.19
C ALA B 165 -7.67 3.73 5.68
N ASP B 166 -8.89 4.20 6.07
CA ASP B 166 -9.24 4.50 7.46
C ASP B 166 -9.35 3.23 8.28
N LEU B 167 -10.04 2.22 7.73
CA LEU B 167 -10.29 0.95 8.39
C LEU B 167 -8.97 0.17 8.65
N LEU B 168 -8.00 0.22 7.69
CA LEU B 168 -6.69 -0.41 7.86
C LEU B 168 -5.78 0.41 8.80
N LEU B 169 -5.97 1.75 8.85
CA LEU B 169 -5.22 2.65 9.74
C LEU B 169 -5.60 2.39 11.21
N LEU B 170 -6.92 2.31 11.48
CA LEU B 170 -7.49 2.04 12.80
C LEU B 170 -7.20 0.61 13.25
N ALA B 171 -6.94 -0.31 12.29
CA ALA B 171 -6.61 -1.71 12.55
C ALA B 171 -5.21 -1.87 13.21
N THR B 172 -4.36 -0.81 13.22
CA THR B 172 -3.03 -0.87 13.84
C THR B 172 -3.07 -0.43 15.32
N LEU B 173 -4.17 0.22 15.78
CA LEU B 173 -4.35 0.71 17.16
C LEU B 173 -4.12 -0.43 18.20
N PRO B 174 -4.59 -1.70 18.03
CA PRO B 174 -4.29 -2.72 19.06
C PRO B 174 -2.78 -2.94 19.27
N LEU B 175 -1.95 -2.68 18.21
CA LEU B 175 -0.50 -2.82 18.29
C LEU B 175 0.14 -1.72 19.13
N TRP B 176 -0.23 -0.44 18.89
CA TRP B 176 0.37 0.70 19.59
C TRP B 176 -0.06 0.72 21.04
N ALA B 177 -1.29 0.26 21.34
CA ALA B 177 -1.79 0.16 22.72
C ALA B 177 -1.00 -0.91 23.49
N THR B 178 -0.69 -2.05 22.84
CA THR B 178 0.07 -3.17 23.41
C THR B 178 1.53 -2.73 23.62
N TYR B 179 2.13 -2.11 22.59
CA TYR B 179 3.49 -1.58 22.61
C TYR B 179 3.65 -0.54 23.74
N TYR B 180 2.63 0.35 23.93
CA TYR B 180 2.63 1.35 25.00
C TYR B 180 2.50 0.66 26.37
N SER B 181 1.65 -0.39 26.46
CA SER B 181 1.40 -1.15 27.70
C SER B 181 2.65 -1.84 28.22
N TYR B 182 3.48 -2.40 27.32
CA TYR B 182 4.73 -3.07 27.69
C TYR B 182 5.90 -2.06 27.80
N ARG B 183 5.58 -0.77 28.08
CA ARG B 183 6.51 0.36 28.26
C ARG B 183 7.54 0.39 27.11
N TYR B 184 7.01 0.40 25.86
CA TYR B 184 7.71 0.48 24.59
C TYR B 184 8.69 -0.71 24.42
N ASP B 185 8.17 -1.95 24.66
CA ASP B 185 8.90 -3.20 24.43
C ASP B 185 8.26 -3.92 23.27
N TRP B 186 8.85 -3.76 22.08
CA TRP B 186 8.36 -4.37 20.84
C TRP B 186 8.58 -5.89 20.92
N LEU B 187 7.48 -6.64 21.07
CA LEU B 187 7.48 -8.10 21.20
C LEU B 187 6.91 -8.79 19.93
N PHE B 188 7.19 -8.21 18.74
CA PHE B 188 6.66 -8.72 17.46
C PHE B 188 7.78 -8.98 16.42
N GLY B 189 9.03 -8.80 16.81
CA GLY B 189 10.18 -8.98 15.92
C GLY B 189 10.52 -7.74 15.12
N PRO B 190 11.80 -7.56 14.70
CA PRO B 190 12.17 -6.33 13.98
C PRO B 190 11.61 -6.25 12.56
N VAL B 191 11.12 -7.38 12.01
CA VAL B 191 10.54 -7.42 10.66
C VAL B 191 9.18 -6.68 10.69
N MET B 192 8.33 -6.95 11.69
CA MET B 192 7.03 -6.31 11.82
C MET B 192 7.16 -4.84 12.27
N CYS B 193 8.35 -4.43 12.77
CA CYS B 193 8.64 -3.04 13.12
C CYS B 193 8.67 -2.22 11.83
N LYS B 194 9.30 -2.77 10.76
CA LYS B 194 9.34 -2.14 9.44
C LYS B 194 8.01 -2.26 8.72
N VAL B 195 7.41 -3.47 8.71
CA VAL B 195 6.19 -3.78 7.96
C VAL B 195 5.00 -2.95 8.52
N PHE B 196 4.64 -3.10 9.81
CA PHE B 196 3.50 -2.37 10.38
C PHE B 196 3.81 -0.87 10.52
N GLY B 197 5.10 -0.53 10.67
CA GLY B 197 5.53 0.86 10.71
C GLY B 197 5.21 1.55 9.39
N SER B 198 5.48 0.85 8.28
CA SER B 198 5.20 1.30 6.91
C SER B 198 3.72 1.25 6.60
N PHE B 199 3.03 0.18 7.05
CA PHE B 199 1.60 -0.04 6.82
C PHE B 199 0.79 1.08 7.47
N LEU B 200 1.26 1.58 8.64
CA LEU B 200 0.68 2.69 9.36
C LEU B 200 0.76 3.97 8.53
N THR B 201 1.97 4.30 8.04
CA THR B 201 2.26 5.51 7.27
C THR B 201 1.58 5.44 5.90
N LEU B 202 1.53 4.26 5.28
CA LEU B 202 0.91 4.02 3.97
C LEU B 202 -0.56 4.41 4.01
N ASN B 203 -1.34 3.80 4.94
CA ASN B 203 -2.77 4.04 5.08
C ASN B 203 -3.06 5.41 5.70
N MET B 204 -2.10 6.00 6.47
CA MET B 204 -2.29 7.36 7.01
C MET B 204 -2.32 8.37 5.87
N PHE B 205 -1.31 8.30 4.97
CA PHE B 205 -1.24 9.17 3.81
C PHE B 205 -2.33 8.84 2.81
N ALA B 206 -2.70 7.56 2.65
CA ALA B 206 -3.78 7.18 1.75
C ALA B 206 -5.10 7.80 2.20
N SER B 207 -5.30 7.94 3.53
CA SER B 207 -6.47 8.60 4.12
C SER B 207 -6.46 10.08 3.80
N ILE B 208 -5.36 10.78 4.13
CA ILE B 208 -5.16 12.23 3.95
C ILE B 208 -5.25 12.59 2.42
N PHE B 209 -4.66 11.78 1.53
CA PHE B 209 -4.68 12.09 0.11
C PHE B 209 -6.06 11.87 -0.49
N PHE B 210 -6.83 10.87 0.00
CA PHE B 210 -8.19 10.66 -0.51
C PHE B 210 -9.15 11.74 0.07
N ILE B 211 -8.83 12.32 1.26
CA ILE B 211 -9.56 13.47 1.86
C ILE B 211 -9.36 14.67 0.91
N THR B 212 -8.11 14.85 0.43
CA THR B 212 -7.72 15.91 -0.50
C THR B 212 -8.44 15.73 -1.84
N CYS B 213 -8.56 14.47 -2.35
CA CYS B 213 -9.28 14.17 -3.60
C CYS B 213 -10.74 14.59 -3.47
N MET B 214 -11.40 14.27 -2.33
CA MET B 214 -12.80 14.61 -2.05
C MET B 214 -13.05 16.13 -2.14
N SER B 215 -12.14 16.96 -1.60
CA SER B 215 -12.29 18.42 -1.63
C SER B 215 -12.14 18.95 -3.07
N VAL B 216 -11.20 18.38 -3.85
CA VAL B 216 -10.95 18.74 -5.25
C VAL B 216 -12.16 18.30 -6.10
N ASP B 217 -12.75 17.12 -5.79
CA ASP B 217 -13.92 16.55 -6.49
C ASP B 217 -15.17 17.39 -6.20
N ARG B 218 -15.44 17.71 -4.90
CA ARG B 218 -16.57 18.54 -4.51
C ARG B 218 -16.47 19.94 -5.11
N TYR B 219 -15.23 20.50 -5.20
CA TYR B 219 -15.00 21.82 -5.80
C TYR B 219 -15.31 21.79 -7.29
N GLN B 220 -14.81 20.76 -8.01
CA GLN B 220 -15.00 20.56 -9.44
C GLN B 220 -16.51 20.32 -9.76
N SER B 221 -17.29 19.82 -8.76
CA SER B 221 -18.73 19.59 -8.88
C SER B 221 -19.52 20.87 -8.70
N VAL B 222 -18.98 21.83 -7.92
CA VAL B 222 -19.62 23.11 -7.64
C VAL B 222 -19.35 24.10 -8.82
N ILE B 223 -18.05 24.38 -9.14
CA ILE B 223 -17.65 25.32 -10.18
C ILE B 223 -18.13 24.78 -11.58
N TYR B 224 -18.06 23.46 -11.84
CA TYR B 224 -18.55 22.87 -13.11
C TYR B 224 -19.68 21.87 -12.80
N PRO B 225 -20.98 22.29 -12.88
CA PRO B 225 -22.07 21.37 -12.53
C PRO B 225 -22.21 20.17 -13.50
N PHE B 226 -21.77 20.35 -14.78
CA PHE B 226 -21.80 19.37 -15.88
C PHE B 226 -23.23 19.12 -16.35
N TRP B 234 -12.97 7.81 -16.46
CA TRP B 234 -11.57 7.43 -16.60
C TRP B 234 -10.65 8.12 -15.56
N GLN B 235 -11.04 9.31 -15.05
CA GLN B 235 -10.20 10.04 -14.07
C GLN B 235 -9.95 9.22 -12.78
N ALA B 236 -10.94 8.46 -12.27
CA ALA B 236 -10.80 7.68 -11.04
C ALA B 236 -9.91 6.44 -11.23
N SER B 237 -9.96 5.78 -12.41
CA SER B 237 -9.18 4.57 -12.70
C SER B 237 -7.66 4.86 -12.79
N TYR B 238 -7.26 6.15 -12.80
CA TYR B 238 -5.84 6.54 -12.83
C TYR B 238 -5.46 7.31 -11.53
N ILE B 239 -6.40 8.12 -10.94
CA ILE B 239 -6.13 8.88 -9.71
C ILE B 239 -6.05 7.91 -8.51
N VAL B 240 -6.99 6.95 -8.37
CA VAL B 240 -7.00 5.99 -7.25
C VAL B 240 -5.65 5.20 -7.22
N PRO B 241 -5.12 4.56 -8.32
CA PRO B 241 -3.82 3.87 -8.20
C PRO B 241 -2.67 4.82 -7.87
N LEU B 242 -2.73 6.06 -8.41
CA LEU B 242 -1.74 7.12 -8.20
C LEU B 242 -1.72 7.59 -6.74
N VAL B 243 -2.89 7.67 -6.06
CA VAL B 243 -2.99 8.10 -4.66
C VAL B 243 -2.34 7.02 -3.76
N TRP B 244 -2.57 5.73 -4.08
CA TRP B 244 -1.95 4.61 -3.36
C TRP B 244 -0.44 4.52 -3.71
N CYS B 245 -0.04 5.05 -4.87
CA CYS B 245 1.35 5.06 -5.30
C CYS B 245 2.11 6.13 -4.50
N MET B 246 1.56 7.36 -4.38
CA MET B 246 2.18 8.47 -3.64
C MET B 246 2.24 8.18 -2.15
N ALA B 247 1.23 7.46 -1.60
CA ALA B 247 1.21 7.08 -0.19
C ALA B 247 2.30 6.03 0.12
N CYS B 248 2.56 5.16 -0.87
CA CYS B 248 3.56 4.11 -0.82
C CYS B 248 4.98 4.71 -0.85
N LEU B 249 5.21 5.74 -1.68
CA LEU B 249 6.51 6.41 -1.80
C LEU B 249 6.81 7.28 -0.58
N SER B 250 5.77 7.87 0.04
CA SER B 250 5.88 8.73 1.21
C SER B 250 6.18 7.92 2.47
N SER B 251 5.87 6.60 2.43
CA SER B 251 6.06 5.67 3.54
C SER B 251 7.38 4.87 3.42
N LEU B 252 8.20 5.13 2.35
CA LEU B 252 9.50 4.46 2.15
C LEU B 252 10.53 4.88 3.23
N PRO B 253 10.68 6.18 3.65
CA PRO B 253 11.64 6.50 4.73
C PRO B 253 11.33 5.73 6.04
N THR B 254 10.04 5.39 6.28
CA THR B 254 9.61 4.62 7.45
C THR B 254 10.15 3.20 7.34
N PHE B 255 9.96 2.56 6.17
CA PHE B 255 10.43 1.20 5.92
C PHE B 255 11.95 1.10 6.00
N TYR B 256 12.63 2.19 5.59
CA TYR B 256 14.08 2.25 5.50
C TYR B 256 14.73 2.47 6.87
N PHE B 257 14.13 3.32 7.75
CA PHE B 257 14.79 3.61 9.02
C PHE B 257 14.09 2.93 10.25
N ARG B 258 12.78 2.56 10.18
CA ARG B 258 12.14 1.87 11.34
C ARG B 258 12.80 0.51 11.60
N ASP B 259 13.33 0.32 12.83
CA ASP B 259 13.98 -0.95 13.20
C ASP B 259 14.04 -1.08 14.72
N VAL B 260 14.11 -2.33 15.23
CA VAL B 260 14.18 -2.62 16.65
C VAL B 260 15.63 -2.44 17.12
N ARG B 261 15.83 -1.59 18.13
CA ARG B 261 17.13 -1.31 18.73
C ARG B 261 17.00 -1.35 20.26
N THR B 262 18.00 -1.93 20.93
CA THR B 262 18.00 -2.06 22.38
C THR B 262 18.37 -0.71 23.01
N ILE B 263 17.47 -0.18 23.86
CA ILE B 263 17.68 1.07 24.59
C ILE B 263 18.32 0.67 25.92
N GLU B 264 19.67 0.70 25.97
CA GLU B 264 20.51 0.22 27.07
C GLU B 264 20.10 0.75 28.45
N TYR B 265 19.78 2.06 28.58
CA TYR B 265 19.43 2.64 29.88
C TYR B 265 17.99 2.27 30.33
N LEU B 266 17.20 1.62 29.44
CA LEU B 266 15.84 1.18 29.77
C LEU B 266 15.74 -0.35 29.76
N GLY B 267 16.72 -1.01 29.14
CA GLY B 267 16.79 -2.47 29.00
C GLY B 267 15.59 -3.01 28.26
N VAL B 268 15.15 -2.29 27.21
CA VAL B 268 13.94 -2.59 26.47
C VAL B 268 14.26 -2.54 24.95
N ASN B 269 13.60 -3.42 24.15
CA ASN B 269 13.78 -3.42 22.70
C ASN B 269 12.68 -2.58 22.09
N ALA B 270 13.03 -1.34 21.68
CA ALA B 270 12.07 -0.40 21.13
C ALA B 270 12.14 -0.34 19.60
N CYS B 271 10.97 -0.22 18.95
CA CYS B 271 10.79 -0.06 17.51
C CYS B 271 10.99 1.42 17.19
N ILE B 272 12.28 1.84 17.07
CA ILE B 272 12.64 3.25 16.87
C ILE B 272 12.91 3.56 15.41
N MET B 273 13.24 4.83 15.15
CA MET B 273 13.61 5.35 13.85
C MET B 273 15.13 5.34 13.82
N ALA B 274 15.71 4.18 13.45
CA ALA B 274 17.15 3.93 13.47
C ALA B 274 17.90 4.72 12.34
N PHE B 275 18.01 6.07 12.50
CA PHE B 275 18.70 6.96 11.56
C PHE B 275 20.21 6.81 11.61
N PRO B 276 20.97 7.30 10.58
CA PRO B 276 22.45 7.23 10.66
C PRO B 276 22.93 7.98 11.91
N PRO B 277 23.68 7.31 12.82
CA PRO B 277 24.06 7.98 14.09
C PRO B 277 24.91 9.22 13.88
N GLU B 278 25.76 9.26 12.82
CA GLU B 278 26.65 10.39 12.52
C GLU B 278 25.83 11.65 12.14
N LYS B 279 24.56 11.53 11.68
CA LYS B 279 23.71 12.69 11.39
C LYS B 279 22.29 12.44 11.92
N TYR B 280 22.17 11.99 13.19
CA TYR B 280 20.91 11.59 13.80
C TYR B 280 19.98 12.83 14.06
N ALA B 281 20.53 13.94 14.60
CA ALA B 281 19.72 15.15 14.87
C ALA B 281 19.19 15.77 13.58
N GLN B 282 20.06 15.82 12.55
CA GLN B 282 19.76 16.36 11.21
C GLN B 282 18.60 15.60 10.59
N TRP B 283 18.63 14.26 10.67
CA TRP B 283 17.57 13.39 10.16
C TRP B 283 16.29 13.51 10.97
N SER B 284 16.40 13.60 12.30
CA SER B 284 15.24 13.73 13.18
C SER B 284 14.49 15.04 12.89
N ALA B 285 15.24 16.14 12.63
CA ALA B 285 14.67 17.45 12.31
C ALA B 285 14.11 17.45 10.90
N GLY B 286 14.82 16.82 9.97
CA GLY B 286 14.44 16.72 8.56
C GLY B 286 13.17 15.94 8.31
N ILE B 287 13.05 14.73 8.90
CA ILE B 287 11.88 13.86 8.74
C ILE B 287 10.67 14.50 9.45
N ALA B 288 10.89 15.27 10.55
CA ALA B 288 9.81 15.96 11.26
C ALA B 288 9.18 17.05 10.38
N LEU B 289 10.02 17.77 9.59
CA LEU B 289 9.56 18.79 8.64
C LEU B 289 8.77 18.13 7.48
N MET B 290 9.17 16.92 7.06
CA MET B 290 8.48 16.15 6.00
C MET B 290 7.06 15.80 6.46
N LYS B 291 6.88 15.44 7.75
CA LYS B 291 5.57 15.13 8.35
C LYS B 291 4.63 16.34 8.24
N ASN B 292 5.13 17.56 8.58
CA ASN B 292 4.37 18.81 8.55
C ASN B 292 3.96 19.19 7.14
N ILE B 293 4.95 19.31 6.23
CA ILE B 293 4.76 19.75 4.84
C ILE B 293 3.85 18.78 4.06
N LEU B 294 4.24 17.50 4.00
CA LEU B 294 3.58 16.47 3.19
C LEU B 294 2.26 15.96 3.83
N GLY B 295 2.18 15.93 5.16
CA GLY B 295 1.01 15.41 5.87
C GLY B 295 0.01 16.43 6.41
N PHE B 296 0.35 17.73 6.38
CA PHE B 296 -0.59 18.73 6.89
C PHE B 296 -0.60 19.98 6.00
N ILE B 297 0.55 20.69 5.83
CA ILE B 297 0.67 21.95 5.08
C ILE B 297 0.09 21.78 3.66
N ILE B 298 0.68 20.92 2.80
CA ILE B 298 0.25 20.72 1.41
C ILE B 298 -1.25 20.25 1.38
N PRO B 299 -1.68 19.15 2.05
CA PRO B 299 -3.11 18.77 1.96
C PRO B 299 -4.06 19.86 2.46
N LEU B 300 -3.67 20.63 3.51
CA LEU B 300 -4.51 21.69 4.06
C LEU B 300 -4.62 22.85 3.03
N ILE B 301 -3.54 23.10 2.23
CA ILE B 301 -3.60 24.13 1.17
C ILE B 301 -4.74 23.78 0.22
N PHE B 302 -4.81 22.52 -0.26
CA PHE B 302 -5.87 22.00 -1.14
C PHE B 302 -7.26 22.09 -0.49
N ILE B 303 -7.41 21.59 0.75
CA ILE B 303 -8.68 21.56 1.47
C ILE B 303 -9.20 23.01 1.70
N ALA B 304 -8.32 23.95 2.11
CA ALA B 304 -8.71 25.34 2.36
C ALA B 304 -9.08 26.06 1.07
N THR B 305 -8.27 25.91 -0.01
CA THR B 305 -8.50 26.55 -1.30
C THR B 305 -9.82 26.05 -1.91
N CYS B 306 -10.12 24.74 -1.78
CA CYS B 306 -11.36 24.18 -2.30
C CYS B 306 -12.55 24.67 -1.49
N TYR B 307 -12.37 24.98 -0.18
CA TYR B 307 -13.46 25.50 0.64
C TYR B 307 -13.84 26.91 0.20
N PHE B 308 -12.86 27.83 0.15
CA PHE B 308 -13.10 29.22 -0.23
C PHE B 308 -13.43 29.31 -1.74
N GLY B 309 -13.02 28.30 -2.50
CA GLY B 309 -13.34 28.16 -3.92
C GLY B 309 -14.82 27.85 -4.11
N ILE B 310 -15.36 26.96 -3.25
CA ILE B 310 -16.78 26.60 -3.21
C ILE B 310 -17.56 27.78 -2.64
N ARG B 311 -17.10 28.35 -1.51
CA ARG B 311 -17.69 29.49 -0.81
C ARG B 311 -17.87 30.67 -1.79
N LYS B 312 -16.92 30.85 -2.72
CA LYS B 312 -16.95 31.92 -3.74
C LYS B 312 -18.13 31.73 -4.72
N HIS B 313 -18.26 30.51 -5.31
CA HIS B 313 -19.28 30.16 -6.32
C HIS B 313 -20.71 30.20 -5.74
N LEU B 314 -20.87 29.90 -4.44
CA LEU B 314 -22.22 29.91 -3.83
C LEU B 314 -22.68 31.36 -3.57
N LEU B 315 -21.73 32.30 -3.42
CA LEU B 315 -22.04 33.73 -3.27
C LEU B 315 -22.03 34.44 -4.64
N LYS B 316 -22.14 33.65 -5.73
CA LYS B 316 -22.06 34.13 -7.11
C LYS B 316 -23.19 33.48 -7.97
N THR B 317 -24.21 32.89 -7.32
CA THR B 317 -25.28 32.21 -8.02
C THR B 317 -26.62 32.95 -7.78
N ASN B 318 -27.21 32.84 -6.56
CA ASN B 318 -28.51 33.45 -6.26
C ASN B 318 -28.66 33.68 -4.73
N SER B 319 -29.44 34.71 -4.32
CA SER B 319 -29.60 35.04 -2.91
C SER B 319 -31.12 35.09 -2.48
N TYR B 320 -32.00 34.25 -3.11
CA TYR B 320 -33.42 34.13 -2.67
C TYR B 320 -33.50 33.44 -1.30
N GLY B 321 -34.60 33.68 -0.58
CA GLY B 321 -34.85 33.12 0.74
C GLY B 321 -34.94 31.60 0.78
N LYS B 322 -35.63 31.00 -0.23
CA LYS B 322 -35.78 29.55 -0.34
C LYS B 322 -34.45 28.89 -0.73
N ASN B 323 -33.64 29.58 -1.55
CA ASN B 323 -32.34 29.08 -2.01
C ASN B 323 -31.21 29.51 -1.04
N ARG B 324 -31.54 30.26 0.03
CA ARG B 324 -30.60 30.74 1.06
C ARG B 324 -30.28 29.61 2.05
N ILE B 325 -31.33 28.92 2.55
CA ILE B 325 -31.26 27.79 3.47
C ILE B 325 -30.39 26.68 2.82
N THR B 326 -30.70 26.33 1.55
CA THR B 326 -30.02 25.32 0.73
C THR B 326 -28.54 25.68 0.52
N ARG B 327 -28.24 26.98 0.34
CA ARG B 327 -26.87 27.48 0.12
C ARG B 327 -26.00 27.30 1.38
N ASP B 328 -26.50 27.75 2.54
CA ASP B 328 -25.79 27.71 3.81
C ASP B 328 -25.55 26.27 4.30
N GLN B 329 -26.48 25.33 4.04
CA GLN B 329 -26.30 23.93 4.45
C GLN B 329 -25.17 23.28 3.65
N VAL B 330 -24.96 23.70 2.37
CA VAL B 330 -23.86 23.21 1.53
C VAL B 330 -22.53 23.75 2.11
N LEU B 331 -22.55 25.03 2.56
CA LEU B 331 -21.40 25.69 3.18
C LEU B 331 -21.08 25.07 4.54
N LYS B 332 -22.11 24.62 5.30
CA LYS B 332 -21.93 23.95 6.59
C LYS B 332 -21.22 22.61 6.39
N MET B 333 -21.59 21.86 5.34
CA MET B 333 -20.96 20.58 4.97
C MET B 333 -19.53 20.79 4.47
N ALA B 334 -19.28 21.96 3.84
CA ALA B 334 -17.99 22.36 3.29
C ALA B 334 -17.02 22.80 4.40
N ALA B 335 -17.52 23.56 5.39
CA ALA B 335 -16.72 24.06 6.51
C ALA B 335 -16.39 22.95 7.49
N ALA B 336 -17.19 21.88 7.48
CA ALA B 336 -17.01 20.75 8.40
C ALA B 336 -15.82 19.87 7.98
N VAL B 337 -15.49 19.77 6.68
CA VAL B 337 -14.38 18.92 6.24
C VAL B 337 -13.03 19.61 6.53
N VAL B 338 -12.96 20.97 6.50
CA VAL B 338 -11.71 21.70 6.76
C VAL B 338 -11.48 21.79 8.29
N LEU B 339 -12.53 22.15 9.08
CA LEU B 339 -12.44 22.26 10.55
C LEU B 339 -12.09 20.92 11.22
N ALA B 340 -12.70 19.80 10.79
CA ALA B 340 -12.43 18.47 11.35
C ALA B 340 -10.98 18.05 11.13
N PHE B 341 -10.43 18.32 9.93
CA PHE B 341 -9.04 17.99 9.59
C PHE B 341 -8.07 18.81 10.47
N ILE B 342 -8.36 20.10 10.70
CA ILE B 342 -7.52 20.99 11.52
C ILE B 342 -7.59 20.54 12.99
N ILE B 343 -8.80 20.36 13.56
CA ILE B 343 -8.96 19.96 14.97
C ILE B 343 -8.22 18.62 15.24
N CYS B 344 -8.31 17.64 14.32
CA CYS B 344 -7.74 16.30 14.52
C CYS B 344 -6.23 16.25 14.24
N TRP B 345 -5.71 17.00 13.26
CA TRP B 345 -4.28 16.87 12.94
C TRP B 345 -3.39 18.06 13.38
N LEU B 346 -3.93 19.28 13.60
CA LEU B 346 -3.09 20.43 13.99
C LEU B 346 -2.34 20.15 15.34
N PRO B 347 -2.95 19.60 16.43
CA PRO B 347 -2.17 19.36 17.67
C PRO B 347 -0.91 18.50 17.43
N PHE B 348 -1.01 17.42 16.62
CA PHE B 348 0.11 16.55 16.32
C PHE B 348 1.25 17.29 15.59
N HIS B 349 0.92 18.07 14.54
CA HIS B 349 1.92 18.76 13.73
C HIS B 349 2.52 19.97 14.48
N VAL B 350 1.81 20.52 15.49
CA VAL B 350 2.36 21.61 16.32
C VAL B 350 3.51 21.02 17.14
N LEU B 351 3.26 19.88 17.80
CA LEU B 351 4.24 19.16 18.64
C LEU B 351 5.41 18.64 17.80
N THR B 352 5.16 18.21 16.53
CA THR B 352 6.16 17.70 15.58
C THR B 352 7.09 18.85 15.14
N PHE B 353 6.53 20.07 14.92
CA PHE B 353 7.33 21.22 14.53
C PHE B 353 8.19 21.68 15.72
N LEU B 354 7.62 21.65 16.96
CA LEU B 354 8.35 22.00 18.18
C LEU B 354 9.48 20.97 18.44
N ASP B 355 9.21 19.67 18.12
CA ASP B 355 10.19 18.57 18.22
C ASP B 355 11.36 18.83 17.27
N ALA B 356 11.07 19.24 16.02
CA ALA B 356 12.08 19.55 15.01
C ALA B 356 12.99 20.68 15.49
N LEU B 357 12.42 21.72 16.15
CA LEU B 357 13.19 22.86 16.68
C LEU B 357 14.11 22.40 17.83
N ALA B 358 13.69 21.38 18.60
CA ALA B 358 14.51 20.80 19.66
C ALA B 358 15.75 20.11 19.08
N TRP B 359 15.59 19.37 17.95
CA TRP B 359 16.71 18.71 17.26
C TRP B 359 17.62 19.73 16.57
N MET B 360 17.07 20.87 16.13
CA MET B 360 17.83 21.96 15.50
C MET B 360 18.63 22.77 16.53
N GLY B 361 18.35 22.54 17.82
CA GLY B 361 19.01 23.23 18.92
C GLY B 361 18.35 24.53 19.30
N VAL B 362 17.16 24.80 18.75
CA VAL B 362 16.37 26.02 19.00
C VAL B 362 15.75 25.90 20.39
N ILE B 363 15.10 24.74 20.69
CA ILE B 363 14.50 24.49 22.00
C ILE B 363 15.48 23.64 22.84
N ASN B 364 16.01 24.20 23.94
CA ASN B 364 16.94 23.45 24.81
C ASN B 364 16.40 23.39 26.26
N SER B 365 15.07 23.47 26.41
CA SER B 365 14.39 23.39 27.70
C SER B 365 13.74 22.01 27.85
N CYS B 366 14.16 21.23 28.86
CA CYS B 366 13.62 19.89 29.12
C CYS B 366 12.19 19.97 29.65
N GLU B 367 11.78 21.13 30.26
CA GLU B 367 10.42 21.34 30.73
C GLU B 367 9.44 21.26 29.57
N VAL B 368 9.76 22.01 28.48
CA VAL B 368 9.01 22.11 27.22
C VAL B 368 9.01 20.74 26.53
N ILE B 369 10.20 20.11 26.39
CA ILE B 369 10.39 18.81 25.74
C ILE B 369 9.53 17.74 26.48
N ALA B 370 9.45 17.81 27.83
CA ALA B 370 8.62 16.89 28.62
C ALA B 370 7.13 17.07 28.30
N VAL B 371 6.68 18.33 28.11
CA VAL B 371 5.29 18.63 27.77
C VAL B 371 4.96 17.93 26.44
N ILE B 372 5.83 18.13 25.42
CA ILE B 372 5.69 17.53 24.09
C ILE B 372 5.59 15.98 24.21
N ASP B 373 6.45 15.35 25.04
CA ASP B 373 6.48 13.89 25.23
C ASP B 373 5.17 13.33 25.82
N LEU B 374 4.56 14.00 26.82
CA LEU B 374 3.35 13.46 27.42
C LEU B 374 2.12 13.85 26.59
N ALA B 375 2.19 14.95 25.81
CA ALA B 375 1.07 15.39 24.98
C ALA B 375 0.98 14.59 23.69
N LEU B 376 2.12 14.07 23.20
CA LEU B 376 2.25 13.38 21.92
C LEU B 376 1.33 12.10 21.84
N PRO B 377 1.25 11.17 22.84
CA PRO B 377 0.34 10.01 22.68
C PRO B 377 -1.12 10.42 22.50
N PHE B 378 -1.53 11.56 23.10
CA PHE B 378 -2.89 12.10 22.98
C PHE B 378 -3.11 12.73 21.59
N ALA B 379 -2.12 13.50 21.09
CA ALA B 379 -2.18 14.17 19.78
C ALA B 379 -2.22 13.15 18.64
N ILE B 380 -1.57 11.99 18.84
CA ILE B 380 -1.53 10.86 17.90
C ILE B 380 -2.94 10.22 17.85
N LEU B 381 -3.66 10.16 18.98
CA LEU B 381 -5.00 9.60 19.05
C LEU B 381 -6.00 10.45 18.21
N LEU B 382 -5.91 11.80 18.26
CA LEU B 382 -6.77 12.70 17.48
C LEU B 382 -6.60 12.48 15.96
N GLY B 383 -5.40 12.07 15.55
CA GLY B 383 -5.10 11.74 14.16
C GLY B 383 -5.93 10.55 13.71
N PHE B 384 -5.99 9.49 14.56
CA PHE B 384 -6.82 8.30 14.31
C PHE B 384 -8.31 8.62 14.43
N THR B 385 -8.65 9.62 15.28
CA THR B 385 -10.03 10.04 15.53
C THR B 385 -10.60 10.68 14.24
N ASN B 386 -9.73 11.25 13.37
CA ASN B 386 -10.17 11.82 12.09
C ASN B 386 -10.78 10.72 11.20
N SER B 387 -10.34 9.46 11.37
CA SER B 387 -10.83 8.30 10.63
C SER B 387 -12.22 7.88 11.14
N CYS B 388 -12.63 8.41 12.33
CA CYS B 388 -13.95 8.17 12.93
C CYS B 388 -14.94 9.21 12.43
N VAL B 389 -14.40 10.40 12.08
CA VAL B 389 -15.16 11.56 11.61
C VAL B 389 -15.50 11.41 10.12
N ASN B 390 -14.54 10.91 9.28
CA ASN B 390 -14.70 10.75 7.83
C ASN B 390 -16.06 10.10 7.45
N PRO B 391 -16.54 8.98 8.09
CA PRO B 391 -17.86 8.44 7.72
C PRO B 391 -18.98 9.50 7.78
N PHE B 392 -18.98 10.35 8.83
CA PHE B 392 -19.99 11.38 9.03
C PHE B 392 -19.82 12.56 8.07
N LEU B 393 -18.59 12.85 7.61
CA LEU B 393 -18.32 13.99 6.71
C LEU B 393 -18.62 13.69 5.25
N TYR B 394 -18.39 12.45 4.80
CA TYR B 394 -18.50 12.16 3.37
C TYR B 394 -19.62 11.16 3.04
N CYS B 395 -19.63 9.93 3.63
CA CYS B 395 -20.65 8.91 3.31
C CYS B 395 -22.01 9.33 3.86
N PHE B 396 -22.10 9.67 5.17
CA PHE B 396 -23.37 9.98 5.83
C PHE B 396 -23.91 11.39 5.45
N VAL B 397 -23.29 12.04 4.45
CA VAL B 397 -23.68 13.37 3.99
C VAL B 397 -23.77 13.41 2.45
N GLY B 398 -22.91 12.66 1.77
CA GLY B 398 -22.81 12.59 0.31
C GLY B 398 -24.13 12.45 -0.45
N ASN B 399 -25.07 11.68 0.12
CA ASN B 399 -26.41 11.44 -0.43
C ASN B 399 -27.25 12.73 -0.41
N ARG B 400 -27.05 13.57 0.64
CA ARG B 400 -27.78 14.81 0.90
C ARG B 400 -27.04 16.03 0.30
N PHE B 401 -25.70 15.98 0.20
CA PHE B 401 -24.88 17.04 -0.38
C PHE B 401 -25.13 17.15 -1.88
N GLN B 402 -25.37 15.98 -2.53
CA GLN B 402 -25.60 15.86 -3.97
C GLN B 402 -26.94 16.47 -4.38
N GLN B 403 -28.01 16.21 -3.61
CA GLN B 403 -29.33 16.74 -3.92
C GLN B 403 -29.41 18.25 -3.63
N LYS B 404 -28.63 18.76 -2.65
CA LYS B 404 -28.66 20.19 -2.35
C LYS B 404 -27.78 21.00 -3.33
N LEU B 405 -26.84 20.34 -4.03
CA LEU B 405 -25.98 21.00 -5.01
C LEU B 405 -26.71 21.06 -6.37
N ARG B 406 -27.55 20.06 -6.66
CA ARG B 406 -28.36 20.01 -7.88
C ARG B 406 -29.58 20.95 -7.76
N SER B 407 -29.98 21.30 -6.51
CA SER B 407 -31.09 22.21 -6.23
C SER B 407 -30.71 23.67 -6.53
N VAL B 408 -29.49 24.09 -6.13
CA VAL B 408 -29.00 25.45 -6.36
C VAL B 408 -28.61 25.62 -7.86
N PHE B 409 -28.22 24.52 -8.53
CA PHE B 409 -27.84 24.53 -9.94
C PHE B 409 -29.10 24.53 -10.84
N ARG B 410 -30.05 23.57 -10.60
CA ARG B 410 -31.32 23.39 -11.32
C ARG B 410 -31.10 23.27 -12.84
N1 8ES C . -10.21 -16.43 -10.71
N3 8ES C . -14.79 -11.32 -9.99
C4 8ES C . -8.45 -19.00 -9.34
C5 8ES C . -11.10 -16.10 -11.71
C6 8ES C . -9.07 -15.56 -10.45
C7 8ES C . -9.50 -14.19 -9.89
C8 8ES C . -8.77 -13.14 -10.17
C10 8ES C . -10.24 -11.59 -8.90
C13 8ES C . -12.90 -10.32 -9.46
C15 8ES C . -11.11 -7.53 -7.59
C17 8ES C . -9.61 -9.43 -7.73
C20 8ES C . -13.62 -18.87 -11.25
C21 8ES C . -14.56 -18.53 -12.24
C22 8ES C . -14.39 -17.38 -13.06
C24 8ES C . -16.55 -16.26 -13.75
C26 8ES C . -15.99 -15.24 -11.37
C28 8ES C . -18.10 -15.09 -10.18
O1 8ES C . -17.32 -15.96 -14.62
C25 8ES C . -16.91 -15.80 -12.34
S 8ES C . -18.50 -15.76 -11.70
C27 8ES C . -16.69 -14.84 -10.08
N6 8ES C . -15.35 -17.03 -14.08
C29 8ES C . -15.09 -17.41 -15.46
C30 8ES C . -15.18 -18.93 -15.58
C35 8ES C . -16.53 -19.63 -15.41
C34 8ES C . -16.62 -20.93 -15.51
C33 8ES C . -15.36 -21.78 -15.75
C32 8ES C . -14.19 -21.18 -15.88
C31 8ES C . -14.08 -19.66 -15.78
C1 8ES C . -12.50 -18.07 -11.08
C23 8ES C . -13.24 -16.60 -12.87
C 8ES C . -12.32 -16.93 -11.91
O 8ES C . -10.93 -14.96 -12.52
C2 8ES C . -10.47 -17.60 -9.92
C3 8ES C . -9.51 -18.04 -8.80
N 8ES C . -11.57 -18.39 -10.08
C19 8ES C . -10.77 -14.02 -9.01
C18 8ES C . -11.09 -12.83 -8.55
C9 8ES C . -9.16 -11.76 -9.65
C11 8ES C . -10.58 -10.18 -8.41
C16 8ES C . -9.88 -8.13 -7.32
C14 8ES C . -12.07 -8.26 -8.29
C12 8ES C . -11.81 -9.56 -8.71
N5 8ES C . -12.81 -10.90 -10.74
N4 8ES C . -13.98 -11.51 -11.06
N2 8ES C . -14.14 -10.58 -8.98
N1 8ES D . 1.38 8.78 13.80
N3 8ES D . 7.47 6.48 11.52
C4 8ES D . -2.03 8.85 13.59
C5 8ES D . 2.44 8.53 14.67
C6 8ES D . 1.39 9.97 12.95
C7 8ES D . 2.50 9.88 11.89
C8 8ES D . 3.05 11.00 11.46
C10 8ES D . 4.59 9.82 9.89
C13 8ES D . 7.14 8.25 10.24
C15 8ES D . 7.78 10.07 6.96
C17 8ES D . 5.58 10.69 7.73
C20 8ES D . 1.33 5.20 16.05
C21 8ES D . 2.42 4.88 16.88
C22 8ES D . 3.54 5.75 17.01
C24 8ES D . 5.74 4.53 17.44
C26 8ES D . 5.42 4.52 14.80
C28 8ES D . 6.16 2.31 14.07
O1 8ES D . 6.64 4.28 18.17
C25 8ES D . 5.77 3.89 16.04
S 8ES D . 6.36 2.30 15.77
C27 8ES D . 5.64 3.58 13.62
N6 8ES D . 4.67 5.43 17.88
C29 8ES D . 4.71 6.02 19.21
C30 8ES D . 3.58 5.45 20.06
C35 8ES D . 3.66 3.98 20.48
C34 8ES D . 2.69 3.47 21.22
C33 8ES D . 1.49 4.35 21.62
C32 8ES D . 1.43 5.62 21.24
C31 8ES D . 2.55 6.21 20.38
C1 8ES D . 1.35 6.38 15.34
C23 8ES D . 3.52 6.94 16.27
C 8ES D . 2.46 7.26 15.46
O 8ES D . 3.54 9.41 14.76
C2 8ES D . 0.29 7.85 13.76
C3 8ES D . -0.93 8.08 12.85
N 8ES D . 0.27 6.68 14.47
C19 8ES D . 2.97 8.54 11.28
C18 8ES D . 3.93 8.51 10.35
C9 8ES D . 4.17 10.96 10.43
C11 8ES D . 5.72 9.86 8.84
C16 8ES D . 6.60 10.79 6.79
C14 8ES D . 7.94 9.26 8.08
C12 8ES D . 6.93 9.18 9.04
N5 8ES D . 7.08 8.62 11.61
N4 8ES D . 7.28 7.53 12.39
N2 8ES D . 7.37 6.93 10.20
#